data_5OHI
#
_entry.id   5OHI
#
_cell.length_a   61.057
_cell.length_b   93.779
_cell.length_c   75.695
_cell.angle_alpha   90.00
_cell.angle_beta   94.91
_cell.angle_gamma   90.00
#
_symmetry.space_group_name_H-M   'P 1 21 1'
#
loop_
_entity.id
_entity.type
_entity.pdbx_description
1 polymer 'Ectonucleotide pyrophosphatase/phosphodiesterase family member 2'
2 branched 2-acetamido-2-deoxy-beta-D-glucopyranose-(1-4)-2-acetamido-2-deoxy-beta-D-glucopyranose
3 branched alpha-D-mannopyranose-(1-2)-alpha-D-mannopyranose-(1-3)-alpha-D-mannopyranose-(1-6)-[alpha-D-mannopyranose-(1-3)]beta-D-mannopyranose-(1-4)-2-acetamido-2-deoxy-beta-D-glucopyranose-(1-4)-2-acetamido-2-deoxy-beta-D-glucopyranose
4 non-polymer 'ZINC ION'
5 non-polymer 'CALCIUM ION'
6 non-polymer 'SODIUM ION'
7 non-polymer 'POTASSIUM ION'
8 non-polymer 3,6,9,12,15-PENTAOXAHEPTADECANE
9 non-polymer 'CHLORIDE ION'
10 non-polymer '[3,5-bis(trifluoromethyl)phenyl]methyl (1~{S},5~{R})-6-[(1~{H}-benzotriazol-5-ylcarbonylamino)methyl]-3-azabicyclo[3.1.0]hexane-3-carboxylate'
11 water water
#
_entity_poly.entity_id   1
_entity_poly.type   'polypeptide(L)'
_entity_poly.pdbx_seq_one_letter_code
;AEWDEGPPTVLSDSPWTNTSGSCKGRCFELQEVGPPDCRCDNLCKSYSSCCHDFDELCLKTARGWECTKDRCGEVRNEEN
ACHCSEDCLSRGDCCTNYQVVCKGESHWVDDDCEEIRVPECPAGFVRPPLIIFSVDGFRASYMKKGSKVMPNIEKLRSCG
THAPYMRPVYPTKTFPNLYTLATGLYPESHGIVGNSMYDPVFDATFHLRGREKFNHRWWGGQPLWITATKQGVRAGTFFW
SVSIPHERRILTILQWLSLPDNERPSVYAFYSEQPDFSGHKYGPFGPEMTNPLREIDKTVGQLMDGLKQLKLHRCVNVIF
VGDHGMEDVTCDRTEFLSNYLTNVDDITLVPGTLGRIRPKIPNNLKYDPKAIIANLTCKKPDQHFKPYMKQHLPKRLHYA
NNRRIEDLHLLVERRWHVARKPLDVYKKPSGKCFFQGDHGFDNKVNSMQTVFVGYGPTFKYRTKVPPFENIELYNVMCDL
LGLKPAPNNGTHGSLNHLLRTNTFRPTLPEEVSRPNYPGIMYLQSDFDLGCTCDDKNKLEELNKRLHTKGSTEERHLLYG
RPAVLYRTSYDILYHTDFESGYSEIFLMPLWTSYTISKQAEVSSIPEHLTNCVRPDVRVSPGFSQNCLAYKNDKQMSYGF
LFPPYLSSSPEAKYDAFLVTNMVPMYPAFKRVWTYFQRVLVKKYASERNGVNVISGPIFDYNYNGLRDIEDEIKQYVEGS
SIPVPTHYYSIITSCLDFTQPADKCDGPLSVSSFILPHRPDNDESCNSSEDESKWVEELMKMHTARVRDIEHLTGLDFYR
KTSRSYSEILTLKTYLHTYESEIENLYFQ
;
_entity_poly.pdbx_strand_id   A
#
loop_
_chem_comp.id
_chem_comp.type
_chem_comp.name
_chem_comp.formula
9V8 non-polymer '[3,5-bis(trifluoromethyl)phenyl]methyl (1~{S},5~{R})-6-[(1~{H}-benzotriazol-5-ylcarbonylamino)methyl]-3-azabicyclo[3.1.0]hexane-3-carboxylate' 'C23 H19 F6 N5 O3'
BMA D-saccharide, beta linking beta-D-mannopyranose 'C6 H12 O6'
CA non-polymer 'CALCIUM ION' 'Ca 2'
CL non-polymer 'CHLORIDE ION' 'Cl -1'
K non-polymer 'POTASSIUM ION' 'K 1'
MAN D-saccharide, alpha linking alpha-D-mannopyranose 'C6 H12 O6'
NA non-polymer 'SODIUM ION' 'Na 1'
NAG D-saccharide, beta linking 2-acetamido-2-deoxy-beta-D-glucopyranose 'C8 H15 N O6'
P3G non-polymer 3,6,9,12,15-PENTAOXAHEPTADECANE 'C12 H26 O5'
ZN non-polymer 'ZINC ION' 'Zn 2'
#
# COMPACT_ATOMS: atom_id res chain seq x y z
N TRP A 16 -39.08 5.83 -10.52
CA TRP A 16 -39.54 7.11 -9.98
C TRP A 16 -39.72 7.05 -8.46
N THR A 17 -39.28 8.11 -7.75
CA THR A 17 -39.42 8.22 -6.31
C THR A 17 -40.47 9.28 -5.93
N ASN A 18 -41.42 8.89 -5.07
CA ASN A 18 -42.53 9.70 -4.57
C ASN A 18 -42.06 10.61 -3.42
N THR A 19 -41.65 11.83 -3.76
CA THR A 19 -41.14 12.85 -2.83
C THR A 19 -42.23 13.45 -1.93
N SER A 20 -43.52 13.08 -2.14
CA SER A 20 -44.66 13.56 -1.36
C SER A 20 -44.69 13.04 0.08
N GLY A 21 -43.91 12.00 0.36
CA GLY A 21 -43.76 11.41 1.69
C GLY A 21 -43.07 12.35 2.67
N SER A 22 -43.07 11.97 3.95
CA SER A 22 -42.48 12.81 5.00
C SER A 22 -41.34 12.16 5.75
N CYS A 23 -40.37 12.98 6.18
CA CYS A 23 -39.20 12.54 6.95
C CYS A 23 -39.45 12.63 8.47
N LYS A 24 -40.70 12.93 8.87
CA LYS A 24 -41.13 13.04 10.27
C LYS A 24 -40.79 11.74 11.02
N GLY A 25 -39.92 11.88 12.04
CA GLY A 25 -39.42 10.77 12.86
C GLY A 25 -38.57 9.77 12.11
N ARG A 26 -37.97 10.19 10.96
CA ARG A 26 -37.15 9.35 10.09
C ARG A 26 -35.78 9.97 9.73
N CYS A 27 -35.44 11.14 10.29
CA CYS A 27 -34.18 11.81 9.97
C CYS A 27 -32.96 10.95 10.23
N PHE A 28 -32.20 10.70 9.15
CA PHE A 28 -31.00 9.87 9.12
C PHE A 28 -31.29 8.43 9.60
N GLU A 29 -32.42 7.88 9.12
CA GLU A 29 -32.84 6.51 9.39
C GLU A 29 -31.83 5.56 8.73
N LEU A 30 -31.51 4.47 9.42
CA LEU A 30 -30.58 3.47 8.90
C LEU A 30 -31.31 2.44 8.04
N GLN A 31 -32.66 2.46 8.13
CA GLN A 31 -33.62 1.65 7.38
C GLN A 31 -33.46 1.99 5.89
N GLU A 32 -32.83 1.07 5.13
CA GLU A 32 -32.59 1.24 3.70
C GLU A 32 -33.88 0.94 2.92
N VAL A 33 -34.55 2.01 2.42
CA VAL A 33 -35.81 1.89 1.68
C VAL A 33 -35.59 2.28 0.20
N GLY A 34 -36.20 1.49 -0.68
CA GLY A 34 -36.09 1.67 -2.13
C GLY A 34 -37.29 2.34 -2.77
N PRO A 35 -37.24 2.59 -4.11
CA PRO A 35 -38.36 3.24 -4.80
C PRO A 35 -39.68 2.44 -4.76
N PRO A 36 -40.87 3.08 -4.83
CA PRO A 36 -41.12 4.52 -4.99
C PRO A 36 -41.11 5.32 -3.68
N ASP A 37 -40.77 4.67 -2.54
CA ASP A 37 -40.71 5.32 -1.23
C ASP A 37 -39.54 6.34 -1.16
N CYS A 38 -39.83 7.56 -0.67
CA CYS A 38 -38.81 8.61 -0.53
C CYS A 38 -37.88 8.35 0.66
N ARG A 39 -36.63 8.76 0.53
CA ARG A 39 -35.59 8.55 1.53
C ARG A 39 -35.30 9.75 2.42
N CYS A 40 -34.75 9.48 3.62
CA CYS A 40 -34.39 10.46 4.64
C CYS A 40 -32.95 10.27 5.13
N ASP A 41 -32.17 9.47 4.38
CA ASP A 41 -30.79 9.14 4.70
C ASP A 41 -29.83 10.13 4.05
N ASN A 42 -28.53 9.97 4.29
CA ASN A 42 -27.48 10.82 3.74
C ASN A 42 -27.38 10.79 2.21
N LEU A 43 -27.61 9.63 1.60
CA LEU A 43 -27.46 9.49 0.14
C LEU A 43 -28.69 9.90 -0.67
N CYS A 44 -29.80 10.30 -0.03
CA CYS A 44 -31.04 10.66 -0.73
C CYS A 44 -30.86 11.78 -1.77
N LYS A 45 -30.00 12.77 -1.49
CA LYS A 45 -29.73 13.92 -2.37
C LYS A 45 -29.07 13.48 -3.69
N SER A 46 -28.05 12.61 -3.60
CA SER A 46 -27.27 12.05 -4.71
C SER A 46 -28.14 11.22 -5.65
N TYR A 47 -29.19 10.58 -5.11
CA TYR A 47 -30.11 9.76 -5.89
C TYR A 47 -31.40 10.54 -6.19
N SER A 48 -31.44 11.84 -5.82
CA SER A 48 -32.60 12.76 -5.96
C SER A 48 -33.90 12.06 -5.52
N SER A 49 -33.87 11.51 -4.30
CA SER A 49 -34.94 10.73 -3.69
C SER A 49 -35.36 11.21 -2.28
N CYS A 50 -34.86 12.39 -1.82
CA CYS A 50 -35.23 12.91 -0.50
C CYS A 50 -36.70 13.24 -0.48
N CYS A 51 -37.34 13.08 0.70
CA CYS A 51 -38.73 13.49 0.88
C CYS A 51 -38.70 15.02 0.89
N HIS A 52 -39.79 15.66 0.46
CA HIS A 52 -39.92 17.12 0.33
C HIS A 52 -39.50 17.93 1.56
N ASP A 53 -39.65 17.35 2.77
CA ASP A 53 -39.35 18.03 4.02
C ASP A 53 -38.02 17.61 4.67
N PHE A 54 -37.13 16.95 3.90
CA PHE A 54 -35.83 16.48 4.40
C PHE A 54 -34.93 17.64 4.86
N ASP A 55 -34.70 18.66 4.01
CA ASP A 55 -33.85 19.80 4.39
C ASP A 55 -34.41 20.57 5.58
N GLU A 56 -35.74 20.77 5.59
CA GLU A 56 -36.48 21.46 6.66
C GLU A 56 -36.35 20.73 8.02
N LEU A 57 -36.72 19.45 8.06
CA LEU A 57 -36.73 18.64 9.29
C LEU A 57 -35.40 18.04 9.73
N CYS A 58 -34.58 17.55 8.79
CA CYS A 58 -33.32 16.85 9.08
C CYS A 58 -32.08 17.72 9.05
N LEU A 59 -32.14 18.86 8.36
CA LEU A 59 -30.99 19.73 8.29
C LEU A 59 -31.28 21.08 8.98
N LYS A 60 -31.60 21.00 10.30
CA LYS A 60 -31.86 22.16 11.17
C LYS A 60 -30.52 22.87 11.42
N THR A 61 -30.51 24.21 11.38
CA THR A 61 -29.29 25.00 11.55
C THR A 61 -29.45 26.07 12.64
N ALA A 62 -30.72 26.39 12.98
CA ALA A 62 -31.06 27.43 13.96
C ALA A 62 -30.25 27.39 15.25
N ARG A 63 -29.60 28.54 15.55
CA ARG A 63 -28.78 28.85 16.72
C ARG A 63 -27.39 28.17 16.74
N GLY A 64 -26.95 27.66 15.60
CA GLY A 64 -25.63 27.05 15.51
C GLY A 64 -25.49 25.72 16.21
N TRP A 65 -24.25 25.37 16.55
CA TRP A 65 -23.86 24.06 17.07
C TRP A 65 -23.33 24.04 18.50
N GLU A 66 -23.44 25.14 19.23
CA GLU A 66 -22.92 25.19 20.59
C GLU A 66 -23.95 25.72 21.56
N CYS A 67 -23.93 25.17 22.78
CA CYS A 67 -24.77 25.67 23.87
C CYS A 67 -24.08 26.93 24.41
N THR A 68 -24.87 27.93 24.78
CA THR A 68 -24.39 29.16 25.43
C THR A 68 -25.09 29.20 26.78
N LYS A 69 -24.54 29.94 27.76
CA LYS A 69 -25.12 30.03 29.11
C LYS A 69 -26.61 30.41 29.13
N ASP A 70 -27.04 31.29 28.22
CA ASP A 70 -28.44 31.74 28.09
C ASP A 70 -29.41 30.63 27.63
N ARG A 71 -28.87 29.54 27.05
CA ARG A 71 -29.65 28.41 26.55
C ARG A 71 -29.83 27.28 27.58
N CYS A 72 -29.04 27.29 28.68
CA CYS A 72 -29.09 26.25 29.72
C CYS A 72 -30.45 26.15 30.39
N GLY A 73 -31.01 24.94 30.33
CA GLY A 73 -32.32 24.63 30.90
C GLY A 73 -33.47 25.24 30.11
N GLU A 74 -33.28 25.50 28.81
CA GLU A 74 -34.28 26.08 27.92
C GLU A 74 -35.48 25.14 27.70
N VAL A 75 -36.58 25.68 27.13
CA VAL A 75 -37.71 24.86 26.73
C VAL A 75 -37.30 24.28 25.36
N ARG A 76 -37.62 23.01 25.10
CA ARG A 76 -37.27 22.35 23.85
C ARG A 76 -37.93 23.02 22.64
N ASN A 77 -37.09 23.54 21.74
CA ASN A 77 -37.54 24.13 20.48
C ASN A 77 -37.00 23.18 19.42
N GLU A 78 -37.91 22.51 18.70
CA GLU A 78 -37.53 21.52 17.67
C GLU A 78 -36.85 22.13 16.45
N GLU A 79 -36.93 23.46 16.27
CA GLU A 79 -36.29 24.15 15.16
C GLU A 79 -34.76 24.27 15.33
N ASN A 80 -34.25 24.17 16.58
CA ASN A 80 -32.84 24.26 16.91
C ASN A 80 -32.02 23.09 16.37
N ALA A 81 -30.81 23.40 15.87
CA ALA A 81 -29.87 22.41 15.31
C ALA A 81 -29.51 21.35 16.34
N CYS A 82 -29.27 21.76 17.58
CA CYS A 82 -28.99 20.89 18.73
C CYS A 82 -29.62 21.50 19.98
N HIS A 83 -29.69 20.73 21.07
CA HIS A 83 -30.43 21.18 22.25
C HIS A 83 -29.59 21.38 23.52
N CYS A 84 -30.12 22.24 24.42
CA CYS A 84 -29.52 22.63 25.71
C CYS A 84 -30.55 22.51 26.84
N SER A 85 -31.72 21.90 26.54
CA SER A 85 -32.81 21.65 27.48
C SER A 85 -32.42 20.47 28.41
N GLU A 86 -33.11 20.33 29.56
CA GLU A 86 -32.83 19.26 30.53
C GLU A 86 -33.04 17.84 29.95
N ASP A 87 -34.02 17.68 29.04
CA ASP A 87 -34.34 16.41 28.39
C ASP A 87 -33.39 16.02 27.24
N CYS A 88 -32.44 16.90 26.83
CA CYS A 88 -31.54 16.61 25.71
C CYS A 88 -30.71 15.33 25.91
N LEU A 89 -30.21 15.08 27.15
CA LEU A 89 -29.41 13.88 27.46
C LEU A 89 -30.17 12.57 27.23
N SER A 90 -31.42 12.51 27.73
CA SER A 90 -32.31 11.34 27.57
C SER A 90 -32.76 11.17 26.12
N ARG A 91 -32.77 12.28 25.33
CA ARG A 91 -33.16 12.31 23.92
C ARG A 91 -31.98 12.13 22.95
N GLY A 92 -30.75 12.19 23.48
CA GLY A 92 -29.50 12.03 22.73
C GLY A 92 -29.21 13.10 21.68
N ASP A 93 -29.74 14.32 21.87
CA ASP A 93 -29.54 15.38 20.89
C ASP A 93 -29.03 16.71 21.49
N CYS A 94 -28.20 16.64 22.57
CA CYS A 94 -27.55 17.82 23.16
C CYS A 94 -26.52 18.33 22.17
N CYS A 95 -26.16 19.62 22.27
CA CYS A 95 -25.01 20.17 21.55
C CYS A 95 -23.83 19.51 22.29
N THR A 96 -22.76 19.19 21.58
CA THR A 96 -21.65 18.43 22.17
C THR A 96 -21.03 19.06 23.44
N ASN A 97 -21.11 20.40 23.59
CA ASN A 97 -20.55 21.13 24.73
C ASN A 97 -21.59 21.41 25.84
N TYR A 98 -22.76 20.73 25.80
CA TYR A 98 -23.86 20.92 26.77
C TYR A 98 -23.45 20.75 28.22
N GLN A 99 -22.81 19.61 28.55
CA GLN A 99 -22.36 19.32 29.92
C GLN A 99 -21.27 20.28 30.40
N VAL A 100 -20.46 20.83 29.48
CA VAL A 100 -19.40 21.78 29.80
C VAL A 100 -19.99 23.15 30.19
N VAL A 101 -20.84 23.71 29.31
CA VAL A 101 -21.48 25.01 29.47
C VAL A 101 -22.60 25.01 30.53
N CYS A 102 -23.41 23.93 30.60
CA CYS A 102 -24.58 23.87 31.50
C CYS A 102 -24.40 23.02 32.77
N LYS A 103 -23.51 22.01 32.77
CA LYS A 103 -23.36 21.16 33.96
C LYS A 103 -21.96 21.25 34.64
N GLY A 104 -21.16 22.24 34.23
CA GLY A 104 -19.83 22.50 34.76
C GLY A 104 -18.80 21.42 34.54
N GLU A 105 -18.99 20.56 33.52
CA GLU A 105 -18.06 19.50 33.19
C GLU A 105 -16.88 20.06 32.40
N SER A 106 -15.78 19.31 32.34
CA SER A 106 -14.62 19.76 31.58
C SER A 106 -14.66 19.15 30.17
N HIS A 107 -14.02 19.83 29.21
CA HIS A 107 -13.89 19.31 27.85
C HIS A 107 -13.02 18.05 27.96
N TRP A 108 -13.22 17.07 27.08
CA TRP A 108 -12.42 15.85 27.08
C TRP A 108 -10.91 16.16 26.96
N VAL A 109 -10.53 17.11 26.10
CA VAL A 109 -9.14 17.53 25.87
C VAL A 109 -8.44 18.05 27.16
N ASP A 110 -9.22 18.64 28.09
CA ASP A 110 -8.69 19.19 29.34
C ASP A 110 -8.53 18.13 30.45
N ASP A 111 -8.92 16.87 30.20
CA ASP A 111 -8.75 15.77 31.15
C ASP A 111 -7.43 15.07 30.89
N ASP A 112 -6.77 14.60 31.97
CA ASP A 112 -5.52 13.84 31.85
C ASP A 112 -5.88 12.49 31.27
N CYS A 113 -5.07 11.94 30.37
CA CYS A 113 -5.46 10.62 29.90
C CYS A 113 -5.07 9.55 30.89
N GLU A 114 -5.93 8.53 30.95
CA GLU A 114 -5.82 7.40 31.84
C GLU A 114 -5.91 6.19 30.95
N GLU A 115 -5.07 5.19 31.25
CA GLU A 115 -5.02 3.94 30.52
C GLU A 115 -6.41 3.28 30.50
N ILE A 116 -6.84 2.81 29.33
CA ILE A 116 -8.12 2.13 29.18
C ILE A 116 -7.75 0.66 29.10
N ARG A 117 -7.64 0.02 30.28
CA ARG A 117 -7.23 -1.38 30.40
C ARG A 117 -8.27 -2.37 29.89
N VAL A 118 -9.55 -2.01 30.02
CA VAL A 118 -10.72 -2.80 29.63
C VAL A 118 -11.80 -1.81 29.11
N PRO A 119 -12.69 -2.17 28.14
CA PRO A 119 -13.72 -1.20 27.73
C PRO A 119 -14.63 -0.85 28.91
N GLU A 120 -14.91 0.44 29.08
CA GLU A 120 -15.78 0.98 30.13
C GLU A 120 -17.02 1.47 29.39
N CYS A 121 -17.94 0.54 29.15
CA CYS A 121 -19.14 0.78 28.35
C CYS A 121 -20.42 0.87 29.17
N PRO A 122 -21.40 1.72 28.76
CA PRO A 122 -22.68 1.76 29.49
C PRO A 122 -23.48 0.46 29.28
N ALA A 123 -24.63 0.32 29.98
CA ALA A 123 -25.49 -0.85 29.86
C ALA A 123 -26.02 -0.98 28.42
N GLY A 124 -25.91 -2.19 27.87
CA GLY A 124 -26.36 -2.49 26.52
C GLY A 124 -25.25 -2.63 25.50
N PHE A 125 -24.04 -2.10 25.81
CA PHE A 125 -22.90 -2.22 24.90
C PHE A 125 -22.10 -3.45 25.30
N VAL A 126 -22.08 -4.48 24.43
CA VAL A 126 -21.36 -5.72 24.72
C VAL A 126 -20.02 -5.76 24.00
N ARG A 127 -19.83 -4.85 23.02
CA ARG A 127 -18.60 -4.72 22.26
C ARG A 127 -18.30 -3.24 22.06
N PRO A 128 -17.03 -2.82 22.14
CA PRO A 128 -16.72 -1.41 21.88
C PRO A 128 -17.05 -1.01 20.43
N PRO A 129 -17.89 0.02 20.19
CA PRO A 129 -18.12 0.47 18.80
C PRO A 129 -16.84 0.99 18.15
N LEU A 130 -16.77 0.98 16.82
CA LEU A 130 -15.61 1.53 16.10
C LEU A 130 -15.99 2.80 15.34
N ILE A 131 -15.23 3.88 15.54
CA ILE A 131 -15.43 5.14 14.81
C ILE A 131 -14.19 5.43 13.95
N ILE A 132 -14.37 5.49 12.62
CA ILE A 132 -13.31 5.79 11.68
C ILE A 132 -13.44 7.28 11.34
N PHE A 133 -12.46 8.07 11.73
CA PHE A 133 -12.45 9.51 11.50
C PHE A 133 -11.44 9.74 10.39
N SER A 134 -11.95 9.86 9.16
CA SER A 134 -11.07 10.03 7.99
C SER A 134 -10.89 11.49 7.60
N VAL A 135 -9.63 11.89 7.34
CA VAL A 135 -9.24 13.26 7.02
C VAL A 135 -8.54 13.28 5.68
N ASP A 136 -9.09 14.02 4.74
CA ASP A 136 -8.56 14.08 3.38
C ASP A 136 -7.30 14.94 3.31
N GLY A 137 -6.26 14.43 2.63
CA GLY A 137 -5.02 15.16 2.43
C GLY A 137 -4.25 15.54 3.67
N PHE A 138 -4.38 14.75 4.73
CA PHE A 138 -3.69 14.98 6.00
C PHE A 138 -2.29 14.41 5.89
N ARG A 139 -1.33 15.26 5.56
CA ARG A 139 0.07 14.89 5.45
C ARG A 139 0.58 14.50 6.85
N ALA A 140 1.37 13.42 6.94
CA ALA A 140 1.92 12.89 8.19
C ALA A 140 2.63 13.97 9.02
N SER A 141 3.42 14.81 8.35
CA SER A 141 4.20 15.89 8.96
C SER A 141 3.34 16.97 9.66
N TYR A 142 2.02 17.07 9.33
CA TYR A 142 1.12 18.05 9.99
C TYR A 142 1.01 17.77 11.49
N MET A 143 1.22 16.50 11.91
CA MET A 143 1.20 16.08 13.31
C MET A 143 2.27 16.79 14.14
N LYS A 144 3.38 17.23 13.49
CA LYS A 144 4.48 17.97 14.12
C LYS A 144 4.05 19.33 14.69
N LYS A 145 2.87 19.84 14.26
CA LYS A 145 2.31 21.10 14.74
C LYS A 145 1.89 20.95 16.22
N GLY A 146 1.45 19.75 16.59
CA GLY A 146 1.11 19.37 17.97
C GLY A 146 -0.06 20.06 18.61
N SER A 147 -0.10 20.03 19.95
CA SER A 147 -1.16 20.59 20.79
C SER A 147 -1.37 22.09 20.62
N LYS A 148 -0.36 22.81 20.06
CA LYS A 148 -0.41 24.24 19.77
C LYS A 148 -1.51 24.54 18.75
N VAL A 149 -1.67 23.66 17.76
CA VAL A 149 -2.68 23.82 16.71
C VAL A 149 -3.82 22.79 16.86
N MET A 150 -3.47 21.55 17.23
CA MET A 150 -4.44 20.44 17.31
C MET A 150 -4.43 19.72 18.68
N PRO A 151 -4.92 20.35 19.78
CA PRO A 151 -4.88 19.69 21.10
C PRO A 151 -5.66 18.38 21.22
N ASN A 152 -6.84 18.25 20.58
CA ASN A 152 -7.64 17.02 20.66
C ASN A 152 -6.95 15.87 19.93
N ILE A 153 -6.46 16.15 18.72
CA ILE A 153 -5.74 15.19 17.87
C ILE A 153 -4.41 14.81 18.56
N GLU A 154 -3.71 15.79 19.15
CA GLU A 154 -2.47 15.55 19.89
C GLU A 154 -2.73 14.61 21.09
N LYS A 155 -3.85 14.79 21.81
CA LYS A 155 -4.20 13.92 22.93
C LYS A 155 -4.44 12.49 22.43
N LEU A 156 -5.21 12.33 21.33
CA LEU A 156 -5.45 11.01 20.73
C LEU A 156 -4.13 10.36 20.37
N ARG A 157 -3.23 11.10 19.69
CA ARG A 157 -1.93 10.61 19.22
C ARG A 157 -1.04 10.18 20.39
N SER A 158 -0.85 11.09 21.37
CA SER A 158 0.00 10.91 22.54
C SER A 158 -0.46 9.78 23.46
N CYS A 159 -1.78 9.67 23.71
CA CYS A 159 -2.34 8.71 24.66
C CYS A 159 -2.66 7.35 24.06
N GLY A 160 -2.94 7.30 22.77
CA GLY A 160 -3.23 6.04 22.08
C GLY A 160 -2.01 5.42 21.43
N THR A 161 -2.26 4.70 20.32
CA THR A 161 -1.26 4.05 19.49
C THR A 161 -1.14 4.87 18.20
N HIS A 162 0.08 5.23 17.81
CA HIS A 162 0.27 6.01 16.58
C HIS A 162 1.48 5.52 15.81
N ALA A 163 1.46 5.73 14.50
CA ALA A 163 2.59 5.44 13.64
C ALA A 163 3.19 6.81 13.28
N PRO A 164 4.51 6.95 12.99
CA PRO A 164 5.03 8.27 12.57
C PRO A 164 4.37 8.69 11.25
N TYR A 165 3.98 7.70 10.44
CA TYR A 165 3.23 7.85 9.20
C TYR A 165 2.66 6.55 8.72
N MET A 166 1.69 6.62 7.81
CA MET A 166 1.08 5.46 7.20
C MET A 166 1.20 5.63 5.69
N ARG A 167 1.64 4.56 5.02
CA ARG A 167 1.86 4.57 3.58
C ARG A 167 0.55 4.37 2.81
N PRO A 168 0.22 5.31 1.93
CA PRO A 168 -0.98 5.13 1.09
C PRO A 168 -0.69 4.15 -0.06
N VAL A 169 -1.70 3.89 -0.90
CA VAL A 169 -1.48 3.10 -2.12
C VAL A 169 -1.28 4.07 -3.28
N TYR A 170 -0.70 3.57 -4.36
CA TYR A 170 -0.52 4.35 -5.58
C TYR A 170 -1.75 4.13 -6.50
N PRO A 171 -2.28 5.16 -7.20
CA PRO A 171 -1.92 6.58 -7.15
C PRO A 171 -2.40 7.15 -5.82
N THR A 172 -1.64 8.11 -5.26
CA THR A 172 -1.96 8.72 -3.98
C THR A 172 -3.08 9.76 -4.14
N LYS A 173 -4.22 9.26 -4.62
CA LYS A 173 -5.46 9.95 -4.88
C LYS A 173 -6.53 9.50 -3.90
N THR A 174 -7.55 10.34 -3.74
CA THR A 174 -8.66 10.15 -2.81
C THR A 174 -9.36 8.81 -2.84
N PHE A 175 -10.10 8.53 -3.93
CA PHE A 175 -10.96 7.36 -4.09
C PHE A 175 -10.17 6.06 -4.10
N PRO A 176 -9.02 5.94 -4.80
CA PRO A 176 -8.25 4.69 -4.69
C PRO A 176 -7.83 4.41 -3.25
N ASN A 177 -7.47 5.45 -2.47
CA ASN A 177 -7.04 5.27 -1.09
C ASN A 177 -8.16 5.03 -0.09
N LEU A 178 -9.28 5.76 -0.22
CA LEU A 178 -10.41 5.53 0.68
C LEU A 178 -10.98 4.14 0.48
N TYR A 179 -11.05 3.68 -0.78
CA TYR A 179 -11.60 2.36 -1.06
C TYR A 179 -10.62 1.25 -0.65
N THR A 180 -9.29 1.50 -0.75
CA THR A 180 -8.27 0.55 -0.25
C THR A 180 -8.43 0.44 1.28
N LEU A 181 -8.60 1.59 1.98
CA LEU A 181 -8.80 1.57 3.43
C LEU A 181 -9.97 0.67 3.82
N ALA A 182 -11.08 0.76 3.05
CA ALA A 182 -12.31 0.01 3.27
C ALA A 182 -12.25 -1.49 2.92
N THR A 183 -11.34 -1.89 2.02
CA THR A 183 -11.29 -3.27 1.51
C THR A 183 -10.02 -4.07 1.81
N GLY A 184 -8.91 -3.41 2.13
CA GLY A 184 -7.62 -4.08 2.32
C GLY A 184 -7.03 -4.54 0.99
N LEU A 185 -7.55 -3.98 -0.13
CA LEU A 185 -7.11 -4.35 -1.47
C LEU A 185 -6.33 -3.28 -2.20
N TYR A 186 -5.43 -3.72 -3.08
CA TYR A 186 -4.74 -2.80 -3.97
C TYR A 186 -5.79 -2.29 -4.96
N PRO A 187 -5.64 -1.04 -5.44
CA PRO A 187 -6.57 -0.51 -6.47
C PRO A 187 -6.73 -1.42 -7.70
N GLU A 188 -5.66 -2.08 -8.18
CA GLU A 188 -5.79 -2.97 -9.35
C GLU A 188 -6.79 -4.11 -9.09
N SER A 189 -6.99 -4.49 -7.81
CA SER A 189 -7.91 -5.55 -7.38
C SER A 189 -9.32 -5.00 -7.05
N HIS A 190 -9.44 -3.85 -6.33
CA HIS A 190 -10.76 -3.32 -6.01
C HIS A 190 -11.40 -2.57 -7.20
N GLY A 191 -10.58 -2.11 -8.16
CA GLY A 191 -11.06 -1.50 -9.39
C GLY A 191 -11.12 0.01 -9.42
N ILE A 192 -10.97 0.68 -8.27
CA ILE A 192 -10.94 2.14 -8.24
C ILE A 192 -9.49 2.55 -8.43
N VAL A 193 -9.02 2.50 -9.68
CA VAL A 193 -7.61 2.73 -10.07
C VAL A 193 -7.23 4.23 -10.17
N GLY A 194 -8.24 5.10 -10.10
CA GLY A 194 -8.04 6.54 -10.16
C GLY A 194 -9.29 7.30 -9.75
N ASN A 195 -9.17 8.63 -9.56
CA ASN A 195 -10.34 9.49 -9.29
C ASN A 195 -11.16 9.55 -10.59
N SER A 196 -10.48 9.35 -11.71
CA SER A 196 -11.13 9.25 -13.00
C SER A 196 -10.52 8.05 -13.70
N MET A 197 -11.36 7.33 -14.44
CA MET A 197 -10.95 6.13 -15.18
C MET A 197 -11.89 5.79 -16.30
N TYR A 198 -11.35 5.09 -17.29
CA TYR A 198 -12.10 4.64 -18.43
C TYR A 198 -12.04 3.13 -18.45
N ASP A 199 -13.21 2.48 -18.56
CA ASP A 199 -13.27 1.03 -18.63
C ASP A 199 -13.59 0.68 -20.08
N PRO A 200 -12.68 -0.01 -20.80
CA PRO A 200 -12.94 -0.30 -22.23
C PRO A 200 -14.04 -1.32 -22.53
N VAL A 201 -14.38 -2.19 -21.55
CA VAL A 201 -15.44 -3.18 -21.72
C VAL A 201 -16.81 -2.51 -21.54
N PHE A 202 -16.94 -1.63 -20.53
CA PHE A 202 -18.16 -0.86 -20.28
C PHE A 202 -18.30 0.25 -21.32
N ASP A 203 -17.15 0.73 -21.88
CA ASP A 203 -17.02 1.89 -22.78
C ASP A 203 -17.64 3.09 -22.05
N ALA A 204 -17.18 3.29 -20.80
CA ALA A 204 -17.72 4.32 -19.92
C ALA A 204 -16.64 4.91 -19.05
N THR A 205 -16.81 6.18 -18.72
CA THR A 205 -15.89 6.92 -17.89
C THR A 205 -16.47 7.14 -16.50
N PHE A 206 -15.66 6.88 -15.48
CA PHE A 206 -15.98 7.11 -14.07
C PHE A 206 -15.41 8.49 -13.77
N HIS A 207 -16.22 9.38 -13.21
CA HIS A 207 -15.78 10.73 -12.84
C HIS A 207 -16.21 11.00 -11.41
N LEU A 208 -15.46 11.85 -10.70
CA LEU A 208 -15.80 12.21 -9.33
C LEU A 208 -17.03 13.08 -9.23
N ARG A 209 -17.35 13.83 -10.31
CA ARG A 209 -18.55 14.67 -10.31
C ARG A 209 -19.51 14.24 -11.43
N GLY A 210 -20.02 13.03 -11.25
CA GLY A 210 -20.96 12.37 -12.14
C GLY A 210 -21.78 11.32 -11.42
N ARG A 211 -22.92 10.93 -12.01
CA ARG A 211 -23.85 9.94 -11.46
C ARG A 211 -23.35 8.50 -11.69
N GLU A 212 -22.48 8.30 -12.70
CA GLU A 212 -21.86 7.04 -13.09
C GLU A 212 -21.09 6.35 -11.93
N LYS A 213 -20.47 7.15 -11.02
CA LYS A 213 -19.74 6.64 -9.85
C LYS A 213 -20.63 5.85 -8.85
N PHE A 214 -21.96 6.06 -8.91
CA PHE A 214 -22.94 5.39 -8.04
C PHE A 214 -23.30 3.99 -8.56
N ASN A 215 -22.89 3.66 -9.80
CA ASN A 215 -23.12 2.35 -10.40
C ASN A 215 -22.20 1.32 -9.72
N HIS A 216 -22.80 0.27 -9.15
CA HIS A 216 -22.12 -0.80 -8.40
C HIS A 216 -21.01 -1.53 -9.19
N ARG A 217 -21.13 -1.57 -10.53
CA ARG A 217 -20.18 -2.23 -11.45
C ARG A 217 -18.73 -1.74 -11.31
N TRP A 218 -18.50 -0.51 -10.84
CA TRP A 218 -17.15 0.05 -10.67
C TRP A 218 -16.44 -0.50 -9.44
N TRP A 219 -17.22 -0.77 -8.37
CA TRP A 219 -16.74 -1.11 -7.04
C TRP A 219 -16.60 -2.60 -6.76
N GLY A 220 -15.35 -3.08 -6.80
CA GLY A 220 -15.01 -4.47 -6.55
C GLY A 220 -14.66 -4.76 -5.10
N GLY A 221 -14.29 -5.99 -4.83
CA GLY A 221 -13.94 -6.45 -3.49
C GLY A 221 -15.13 -6.39 -2.55
N GLN A 222 -14.85 -6.38 -1.25
CA GLN A 222 -15.88 -6.33 -0.25
C GLN A 222 -15.54 -5.29 0.83
N PRO A 223 -16.13 -4.07 0.74
CA PRO A 223 -15.82 -3.03 1.75
C PRO A 223 -16.34 -3.38 3.14
N LEU A 224 -15.73 -2.81 4.18
CA LEU A 224 -16.03 -3.04 5.60
C LEU A 224 -17.52 -3.02 5.93
N TRP A 225 -18.28 -2.03 5.43
CA TRP A 225 -19.71 -1.95 5.72
C TRP A 225 -20.49 -3.17 5.17
N ILE A 226 -20.03 -3.77 4.05
CA ILE A 226 -20.62 -4.98 3.45
C ILE A 226 -20.19 -6.19 4.28
N THR A 227 -18.88 -6.30 4.60
CA THR A 227 -18.39 -7.39 5.46
C THR A 227 -19.20 -7.42 6.77
N ALA A 228 -19.42 -6.22 7.38
CA ALA A 228 -20.21 -6.06 8.60
C ALA A 228 -21.66 -6.55 8.41
N THR A 229 -22.37 -6.03 7.39
N THR A 229 -22.39 -6.02 7.39
CA THR A 229 -23.78 -6.35 7.07
CA THR A 229 -23.79 -6.40 7.10
C THR A 229 -23.98 -7.86 6.81
C THR A 229 -23.98 -7.88 6.83
N LYS A 230 -23.09 -8.48 6.01
CA LYS A 230 -23.16 -9.92 5.69
C LYS A 230 -22.96 -10.78 6.93
N GLN A 231 -22.24 -10.28 7.93
CA GLN A 231 -21.99 -11.01 9.16
C GLN A 231 -22.88 -10.55 10.35
N GLY A 232 -23.98 -9.87 10.05
CA GLY A 232 -24.95 -9.43 11.05
C GLY A 232 -24.54 -8.29 11.96
N VAL A 233 -23.64 -7.41 11.49
CA VAL A 233 -23.14 -6.26 12.25
C VAL A 233 -23.63 -4.98 11.53
N ARG A 234 -24.32 -4.08 12.27
CA ARG A 234 -24.86 -2.85 11.68
C ARG A 234 -23.80 -1.77 11.48
N ALA A 235 -23.86 -1.10 10.35
CA ALA A 235 -22.88 -0.04 10.02
C ALA A 235 -23.60 1.28 9.75
N GLY A 236 -22.98 2.37 10.18
CA GLY A 236 -23.46 3.71 9.87
C GLY A 236 -23.00 4.05 8.45
N THR A 237 -23.34 5.24 7.96
CA THR A 237 -22.94 5.63 6.61
C THR A 237 -21.41 5.79 6.45
N PHE A 238 -20.91 5.46 5.25
CA PHE A 238 -19.51 5.66 4.88
C PHE A 238 -19.45 6.72 3.80
N PHE A 239 -20.60 7.31 3.46
CA PHE A 239 -20.67 8.39 2.48
C PHE A 239 -21.41 9.53 3.14
N TRP A 240 -20.84 10.72 3.08
CA TRP A 240 -21.49 11.90 3.62
C TRP A 240 -21.69 12.88 2.49
N SER A 241 -22.90 13.45 2.37
CA SER A 241 -23.22 14.45 1.34
C SER A 241 -22.44 15.71 1.67
N VAL A 242 -21.88 16.37 0.63
CA VAL A 242 -21.13 17.64 0.73
C VAL A 242 -21.94 18.71 1.44
N SER A 243 -23.25 18.75 1.18
CA SER A 243 -24.20 19.71 1.75
C SER A 243 -24.45 19.47 3.25
N ILE A 244 -23.96 18.35 3.81
CA ILE A 244 -24.14 18.08 5.23
C ILE A 244 -22.93 18.64 6.00
N PRO A 245 -23.11 19.69 6.84
CA PRO A 245 -21.95 20.26 7.55
C PRO A 245 -21.34 19.28 8.56
N HIS A 246 -20.06 19.45 8.86
CA HIS A 246 -19.32 18.58 9.77
C HIS A 246 -19.97 18.42 11.16
N GLU A 247 -20.52 19.52 11.71
CA GLU A 247 -21.18 19.52 13.01
C GLU A 247 -22.42 18.60 13.00
N ARG A 248 -23.18 18.59 11.88
CA ARG A 248 -24.36 17.74 11.69
C ARG A 248 -23.92 16.27 11.54
N ARG A 249 -22.78 16.04 10.88
CA ARG A 249 -22.23 14.68 10.72
C ARG A 249 -21.91 14.11 12.10
N ILE A 250 -21.24 14.91 12.96
CA ILE A 250 -20.91 14.54 14.33
C ILE A 250 -22.17 14.27 15.16
N LEU A 251 -23.16 15.20 15.13
CA LEU A 251 -24.42 15.04 15.86
C LEU A 251 -25.19 13.78 15.40
N THR A 252 -25.09 13.44 14.10
CA THR A 252 -25.78 12.26 13.56
C THR A 252 -25.17 10.99 14.14
N ILE A 253 -23.82 10.91 14.14
CA ILE A 253 -23.08 9.78 14.71
C ILE A 253 -23.47 9.59 16.18
N LEU A 254 -23.47 10.69 16.95
CA LEU A 254 -23.83 10.67 18.38
C LEU A 254 -25.28 10.25 18.60
N GLN A 255 -26.21 10.68 17.72
CA GLN A 255 -27.62 10.32 17.78
C GLN A 255 -27.77 8.81 17.51
N TRP A 256 -27.04 8.29 16.51
CA TRP A 256 -27.03 6.86 16.19
C TRP A 256 -26.50 6.04 17.36
N LEU A 257 -25.46 6.55 18.06
CA LEU A 257 -24.87 5.89 19.23
C LEU A 257 -25.85 5.87 20.42
N SER A 258 -26.89 6.73 20.39
CA SER A 258 -27.89 6.81 21.44
C SER A 258 -29.13 5.95 21.13
N LEU A 259 -29.13 5.28 19.95
CA LEU A 259 -30.24 4.44 19.52
C LEU A 259 -30.51 3.23 20.42
N PRO A 260 -31.72 2.62 20.39
CA PRO A 260 -31.96 1.40 21.18
C PRO A 260 -30.96 0.32 20.80
N ASP A 261 -30.64 -0.58 21.74
CA ASP A 261 -29.68 -1.69 21.55
C ASP A 261 -29.81 -2.40 20.20
N ASN A 262 -31.05 -2.69 19.77
CA ASN A 262 -31.37 -3.41 18.54
C ASN A 262 -31.36 -2.57 17.24
N GLU A 263 -30.95 -1.30 17.30
CA GLU A 263 -30.93 -0.42 16.11
C GLU A 263 -29.56 0.19 15.91
N ARG A 264 -28.80 0.29 16.99
CA ARG A 264 -27.52 0.95 17.08
C ARG A 264 -26.39 0.28 16.26
N PRO A 265 -25.78 1.03 15.31
CA PRO A 265 -24.63 0.48 14.58
C PRO A 265 -23.41 0.21 15.46
N SER A 266 -22.53 -0.70 14.99
CA SER A 266 -21.27 -1.04 15.66
C SER A 266 -20.10 -0.30 15.03
N VAL A 267 -20.21 0.09 13.74
CA VAL A 267 -19.13 0.78 13.02
C VAL A 267 -19.68 2.07 12.39
N TYR A 268 -18.90 3.14 12.51
CA TYR A 268 -19.26 4.49 12.05
C TYR A 268 -18.06 5.08 11.33
N ALA A 269 -18.35 5.99 10.39
CA ALA A 269 -17.33 6.73 9.66
C ALA A 269 -17.70 8.20 9.62
N PHE A 270 -16.69 9.04 9.88
CA PHE A 270 -16.74 10.49 9.74
C PHE A 270 -15.74 10.79 8.63
N TYR A 271 -16.03 11.81 7.83
CA TYR A 271 -15.10 12.23 6.78
C TYR A 271 -15.02 13.76 6.76
N SER A 272 -13.81 14.26 6.50
CA SER A 272 -13.56 15.68 6.32
C SER A 272 -12.83 15.89 5.02
N GLU A 273 -13.29 16.86 4.25
N GLU A 273 -13.29 16.85 4.22
CA GLU A 273 -12.73 17.27 2.96
CA GLU A 273 -12.64 17.22 2.95
C GLU A 273 -11.44 18.09 3.21
C GLU A 273 -11.38 18.05 3.23
N GLN A 274 -11.22 18.47 4.49
CA GLN A 274 -10.07 19.23 4.96
C GLN A 274 -9.10 18.25 5.68
N PRO A 275 -7.77 18.51 5.70
CA PRO A 275 -7.05 19.69 5.18
C PRO A 275 -6.74 19.68 3.66
N ASP A 276 -7.26 18.70 2.90
CA ASP A 276 -7.04 18.59 1.44
C ASP A 276 -7.39 19.85 0.66
N PHE A 277 -8.62 20.34 0.83
CA PHE A 277 -9.15 21.49 0.14
C PHE A 277 -8.22 22.70 0.24
N SER A 278 -7.80 23.06 1.47
CA SER A 278 -6.89 24.19 1.68
C SER A 278 -5.48 23.86 1.23
N GLY A 279 -5.09 22.60 1.35
CA GLY A 279 -3.79 22.10 0.88
C GLY A 279 -3.62 22.36 -0.61
N HIS A 280 -4.66 22.07 -1.42
CA HIS A 280 -4.63 22.33 -2.86
C HIS A 280 -4.47 23.83 -3.17
N LYS A 281 -5.16 24.68 -2.40
CA LYS A 281 -5.13 26.12 -2.59
C LYS A 281 -3.82 26.77 -2.20
N TYR A 282 -3.30 26.46 -0.99
CA TYR A 282 -2.16 27.14 -0.41
C TYR A 282 -0.85 26.34 -0.33
N GLY A 283 -0.90 25.06 -0.64
CA GLY A 283 0.29 24.22 -0.54
C GLY A 283 0.42 23.69 0.88
N PRO A 284 1.21 22.62 1.11
CA PRO A 284 1.28 22.03 2.46
C PRO A 284 1.88 22.89 3.57
N PHE A 285 2.86 23.79 3.25
CA PHE A 285 3.57 24.61 4.24
C PHE A 285 3.16 26.09 4.29
N GLY A 286 1.97 26.39 3.77
CA GLY A 286 1.44 27.74 3.79
C GLY A 286 0.93 28.12 5.16
N PRO A 287 1.01 29.42 5.56
CA PRO A 287 0.48 29.81 6.89
C PRO A 287 -1.04 29.63 7.00
N GLU A 288 -1.73 29.63 5.84
CA GLU A 288 -3.18 29.45 5.72
C GLU A 288 -3.62 28.02 6.10
N MET A 289 -2.66 27.09 6.32
CA MET A 289 -2.91 25.69 6.70
C MET A 289 -3.31 25.53 8.16
N THR A 290 -2.99 26.53 9.01
CA THR A 290 -3.31 26.51 10.45
C THR A 290 -4.84 26.50 10.68
N ASN A 291 -5.59 27.38 9.98
CA ASN A 291 -7.05 27.48 10.10
C ASN A 291 -7.75 26.13 9.83
N PRO A 292 -7.56 25.40 8.68
CA PRO A 292 -8.25 24.12 8.53
C PRO A 292 -7.84 23.08 9.55
N LEU A 293 -6.58 23.13 10.04
CA LEU A 293 -6.12 22.16 11.04
C LEU A 293 -6.80 22.40 12.40
N ARG A 294 -7.01 23.68 12.76
CA ARG A 294 -7.74 24.07 13.97
C ARG A 294 -9.20 23.60 13.87
N GLU A 295 -9.80 23.76 12.66
CA GLU A 295 -11.20 23.37 12.41
C GLU A 295 -11.41 21.86 12.54
N ILE A 296 -10.51 21.04 11.97
CA ILE A 296 -10.61 19.57 12.11
C ILE A 296 -10.47 19.21 13.59
N ASP A 297 -9.52 19.86 14.29
CA ASP A 297 -9.34 19.62 15.72
C ASP A 297 -10.60 19.94 16.51
N LYS A 298 -11.28 21.07 16.18
CA LYS A 298 -12.54 21.45 16.84
C LYS A 298 -13.59 20.34 16.66
N THR A 299 -13.68 19.76 15.44
CA THR A 299 -14.59 18.67 15.11
C THR A 299 -14.26 17.42 15.94
N VAL A 300 -12.95 17.09 16.07
CA VAL A 300 -12.52 15.97 16.91
C VAL A 300 -12.95 16.23 18.38
N GLY A 301 -12.76 17.47 18.85
CA GLY A 301 -13.16 17.90 20.18
C GLY A 301 -14.64 17.75 20.42
N GLN A 302 -15.46 18.08 19.40
CA GLN A 302 -16.92 17.93 19.48
C GLN A 302 -17.28 16.45 19.61
N LEU A 303 -16.60 15.58 18.84
CA LEU A 303 -16.86 14.15 18.90
C LEU A 303 -16.53 13.58 20.28
N MET A 304 -15.33 13.89 20.81
CA MET A 304 -14.87 13.39 22.10
C MET A 304 -15.71 13.92 23.27
N ASP A 305 -16.11 15.21 23.23
CA ASP A 305 -16.99 15.81 24.26
C ASP A 305 -18.34 15.11 24.22
N GLY A 306 -18.83 14.86 23.01
CA GLY A 306 -20.08 14.15 22.75
C GLY A 306 -20.05 12.74 23.29
N LEU A 307 -18.93 12.02 23.08
CA LEU A 307 -18.76 10.66 23.59
C LEU A 307 -18.70 10.64 25.11
N LYS A 308 -17.96 11.61 25.70
CA LYS A 308 -17.83 11.78 27.14
C LYS A 308 -19.22 12.00 27.77
N GLN A 309 -20.08 12.76 27.07
CA GLN A 309 -21.48 13.08 27.45
C GLN A 309 -22.36 11.81 27.49
N LEU A 310 -22.11 10.86 26.57
CA LEU A 310 -22.85 9.59 26.48
C LEU A 310 -22.17 8.47 27.30
N LYS A 311 -21.10 8.81 28.05
CA LYS A 311 -20.31 7.86 28.87
C LYS A 311 -19.69 6.76 27.98
N LEU A 312 -19.19 7.15 26.79
CA LEU A 312 -18.59 6.25 25.79
C LEU A 312 -17.14 6.55 25.47
N HIS A 313 -16.59 7.65 26.05
CA HIS A 313 -15.22 8.12 25.81
C HIS A 313 -14.13 7.11 26.19
N ARG A 314 -14.48 6.10 27.02
CA ARG A 314 -13.58 5.02 27.46
C ARG A 314 -14.14 3.64 27.02
N CYS A 315 -15.04 3.68 26.04
CA CYS A 315 -15.71 2.52 25.50
C CYS A 315 -15.39 2.31 24.02
N VAL A 316 -15.37 3.38 23.23
CA VAL A 316 -15.18 3.32 21.78
C VAL A 316 -13.73 3.28 21.33
N ASN A 317 -13.49 2.59 20.20
CA ASN A 317 -12.21 2.58 19.54
C ASN A 317 -12.33 3.60 18.43
N VAL A 318 -11.44 4.60 18.44
CA VAL A 318 -11.39 5.69 17.46
C VAL A 318 -10.17 5.53 16.59
N ILE A 319 -10.36 5.51 15.26
CA ILE A 319 -9.25 5.46 14.32
C ILE A 319 -9.23 6.81 13.61
N PHE A 320 -8.13 7.56 13.75
CA PHE A 320 -7.92 8.85 13.08
C PHE A 320 -6.96 8.54 11.93
N VAL A 321 -7.47 8.62 10.71
CA VAL A 321 -6.69 8.17 9.55
C VAL A 321 -6.83 9.08 8.33
N GLY A 322 -5.75 9.22 7.56
CA GLY A 322 -5.76 9.99 6.31
C GLY A 322 -5.72 9.10 5.09
N ASP A 323 -6.07 9.65 3.92
CA ASP A 323 -6.05 8.90 2.67
C ASP A 323 -4.70 9.06 1.95
N HIS A 324 -4.08 10.26 2.06
CA HIS A 324 -2.77 10.60 1.46
C HIS A 324 -2.28 11.93 2.00
N GLY A 325 -1.06 12.29 1.61
CA GLY A 325 -0.44 13.55 1.98
C GLY A 325 -0.71 14.64 0.98
N MET A 326 0.22 15.61 0.92
CA MET A 326 0.11 16.81 0.07
C MET A 326 1.50 17.34 -0.20
N GLU A 327 1.74 17.71 -1.46
CA GLU A 327 3.02 18.21 -1.92
C GLU A 327 2.89 19.62 -2.48
N ASP A 328 4.00 20.38 -2.49
N ASP A 328 3.99 20.39 -2.49
CA ASP A 328 4.07 21.71 -3.09
CA ASP A 328 4.10 21.73 -3.06
C ASP A 328 4.09 21.50 -4.60
C ASP A 328 4.11 21.53 -4.58
N VAL A 329 2.99 21.86 -5.27
CA VAL A 329 2.85 21.68 -6.74
C VAL A 329 2.20 22.98 -7.29
N THR A 330 2.85 23.68 -8.22
CA THR A 330 2.29 24.93 -8.80
C THR A 330 2.16 24.86 -10.33
N CYS A 331 1.40 25.82 -10.92
N CYS A 331 1.39 25.80 -10.93
CA CYS A 331 1.17 25.99 -12.37
CA CYS A 331 1.16 25.86 -12.39
C CYS A 331 2.49 25.99 -13.14
C CYS A 331 2.48 26.05 -13.20
N ASP A 332 3.50 26.69 -12.58
CA ASP A 332 4.83 26.91 -13.17
C ASP A 332 5.65 25.64 -13.36
N ARG A 333 5.25 24.56 -12.69
CA ARG A 333 5.94 23.29 -12.77
C ARG A 333 5.11 22.24 -13.50
N THR A 334 4.81 22.52 -14.79
CA THR A 334 4.05 21.60 -15.62
C THR A 334 4.81 21.25 -16.90
N GLU A 335 5.04 19.94 -17.13
CA GLU A 335 5.62 19.46 -18.38
C GLU A 335 4.43 19.26 -19.33
N PHE A 336 4.65 19.49 -20.62
CA PHE A 336 3.59 19.31 -21.61
C PHE A 336 4.01 18.25 -22.60
N LEU A 337 3.11 17.30 -22.92
CA LEU A 337 3.39 16.24 -23.91
C LEU A 337 3.58 16.83 -25.31
N SER A 338 2.94 17.99 -25.60
CA SER A 338 3.06 18.67 -26.89
C SER A 338 4.52 19.11 -27.17
N ASN A 339 5.36 19.18 -26.11
CA ASN A 339 6.78 19.52 -26.24
C ASN A 339 7.60 18.31 -26.66
N TYR A 340 7.04 17.09 -26.56
CA TYR A 340 7.73 15.83 -26.87
C TYR A 340 7.14 15.12 -28.10
N LEU A 341 5.82 15.27 -28.27
CA LEU A 341 5.04 14.61 -29.31
C LEU A 341 4.47 15.60 -30.30
N THR A 342 4.50 15.23 -31.58
CA THR A 342 4.04 16.04 -32.71
C THR A 342 2.55 16.31 -32.63
N ASN A 343 1.74 15.25 -32.45
CA ASN A 343 0.30 15.37 -32.40
C ASN A 343 -0.25 14.78 -31.13
N VAL A 344 -0.79 15.65 -30.26
CA VAL A 344 -1.37 15.25 -28.98
C VAL A 344 -2.90 15.20 -29.06
N ASP A 345 -3.48 15.64 -30.19
CA ASP A 345 -4.92 15.70 -30.41
C ASP A 345 -5.58 14.32 -30.56
N ASP A 346 -4.79 13.29 -30.89
CA ASP A 346 -5.27 11.91 -31.02
C ASP A 346 -5.08 11.11 -29.72
N ILE A 347 -4.71 11.80 -28.61
CA ILE A 347 -4.46 11.20 -27.31
C ILE A 347 -5.34 11.78 -26.21
N THR A 348 -5.75 10.91 -25.30
CA THR A 348 -6.44 11.27 -24.08
C THR A 348 -5.42 11.03 -22.95
N LEU A 349 -5.17 12.06 -22.15
CA LEU A 349 -4.26 11.97 -21.02
C LEU A 349 -4.97 12.20 -19.70
N VAL A 350 -4.86 11.25 -18.75
CA VAL A 350 -5.32 11.46 -17.38
C VAL A 350 -4.09 12.21 -16.82
N PRO A 351 -4.22 13.52 -16.51
CA PRO A 351 -3.03 14.33 -16.22
C PRO A 351 -2.75 14.59 -14.75
N GLY A 352 -1.79 15.47 -14.50
CA GLY A 352 -1.44 15.92 -13.17
C GLY A 352 -0.22 15.29 -12.57
N THR A 353 -0.39 14.70 -11.36
CA THR A 353 0.68 14.09 -10.55
C THR A 353 1.00 12.66 -11.00
N LEU A 354 0.28 12.20 -12.02
CA LEU A 354 0.51 10.94 -12.72
C LEU A 354 0.00 11.16 -14.13
N GLY A 355 0.38 10.25 -15.03
CA GLY A 355 -0.07 10.29 -16.40
C GLY A 355 -0.52 8.92 -16.84
N ARG A 356 -1.69 8.84 -17.50
CA ARG A 356 -2.20 7.60 -18.10
C ARG A 356 -2.63 7.99 -19.51
N ILE A 357 -2.03 7.36 -20.50
CA ILE A 357 -2.27 7.71 -21.91
C ILE A 357 -3.04 6.64 -22.65
N ARG A 358 -4.03 7.07 -23.47
CA ARG A 358 -4.80 6.18 -24.31
C ARG A 358 -5.22 6.92 -25.58
N PRO A 359 -5.60 6.23 -26.68
CA PRO A 359 -6.11 6.97 -27.85
C PRO A 359 -7.42 7.73 -27.51
N LYS A 360 -7.62 8.91 -28.13
CA LYS A 360 -8.83 9.73 -27.93
C LYS A 360 -10.09 8.94 -28.32
N ILE A 361 -10.00 8.18 -29.43
CA ILE A 361 -11.07 7.31 -29.89
C ILE A 361 -10.72 5.90 -29.35
N PRO A 362 -11.53 5.37 -28.41
CA PRO A 362 -11.24 4.09 -27.77
C PRO A 362 -10.45 3.05 -28.58
N ASN A 363 -10.97 2.58 -29.72
CA ASN A 363 -10.23 1.61 -30.52
C ASN A 363 -9.68 2.25 -31.82
N ASN A 364 -8.89 3.34 -31.67
CA ASN A 364 -8.25 4.04 -32.79
C ASN A 364 -6.91 3.40 -33.08
N LEU A 365 -6.77 2.94 -34.33
CA LEU A 365 -5.61 2.19 -34.80
C LEU A 365 -4.42 3.07 -35.25
N LYS A 366 -4.56 4.41 -35.31
CA LYS A 366 -3.48 5.34 -35.69
C LYS A 366 -2.48 5.55 -34.52
N TYR A 367 -2.90 5.16 -33.30
CA TYR A 367 -2.17 5.22 -32.03
C TYR A 367 -0.87 4.36 -32.09
N ASP A 368 0.31 5.00 -31.96
CA ASP A 368 1.65 4.37 -32.02
C ASP A 368 2.37 4.30 -30.63
N PRO A 369 2.01 3.35 -29.70
CA PRO A 369 2.61 3.37 -28.34
C PRO A 369 4.12 3.33 -28.26
N LYS A 370 4.79 2.53 -29.11
CA LYS A 370 6.25 2.41 -29.10
C LYS A 370 6.94 3.74 -29.51
N ALA A 371 6.40 4.44 -30.50
CA ALA A 371 6.95 5.73 -30.94
C ALA A 371 6.72 6.82 -29.89
N ILE A 372 5.57 6.76 -29.19
CA ILE A 372 5.22 7.70 -28.11
C ILE A 372 6.20 7.51 -26.95
N ILE A 373 6.37 6.27 -26.46
CA ILE A 373 7.32 5.98 -25.36
C ILE A 373 8.72 6.44 -25.74
N ALA A 374 9.19 6.13 -26.97
CA ALA A 374 10.51 6.55 -27.46
C ALA A 374 10.68 8.08 -27.36
N ASN A 375 9.66 8.86 -27.75
CA ASN A 375 9.71 10.33 -27.70
C ASN A 375 9.59 10.89 -26.29
N LEU A 376 9.19 10.06 -25.33
CA LEU A 376 9.06 10.48 -23.94
C LEU A 376 10.22 9.95 -23.11
N THR A 377 11.16 9.20 -23.71
CA THR A 377 12.26 8.60 -22.96
C THR A 377 13.56 9.41 -23.01
N CYS A 378 13.92 10.00 -21.84
CA CYS A 378 15.18 10.75 -21.60
C CYS A 378 15.43 11.79 -22.69
N LYS A 379 14.39 12.56 -23.05
CA LYS A 379 14.47 13.54 -24.14
C LYS A 379 14.74 14.98 -23.68
N LYS A 380 14.81 15.20 -22.37
CA LYS A 380 15.12 16.51 -21.78
C LYS A 380 16.07 16.18 -20.61
N PRO A 381 17.21 16.90 -20.45
CA PRO A 381 18.18 16.53 -19.39
C PRO A 381 17.62 16.36 -17.98
N ASP A 382 16.76 17.29 -17.52
CA ASP A 382 16.17 17.22 -16.17
C ASP A 382 14.68 16.86 -16.25
N GLN A 383 14.29 16.00 -17.22
CA GLN A 383 12.90 15.57 -17.45
C GLN A 383 12.17 15.26 -16.13
N HIS A 384 11.00 15.88 -15.91
CA HIS A 384 10.26 15.75 -14.64
C HIS A 384 9.16 14.66 -14.61
N PHE A 385 9.36 13.61 -15.42
CA PHE A 385 8.50 12.41 -15.45
C PHE A 385 9.26 11.33 -16.19
N LYS A 386 8.82 10.07 -16.03
CA LYS A 386 9.41 8.94 -16.73
C LYS A 386 8.28 8.03 -17.25
N PRO A 387 8.31 7.66 -18.56
CA PRO A 387 7.27 6.79 -19.08
C PRO A 387 7.59 5.32 -18.78
N TYR A 388 6.52 4.55 -18.60
CA TYR A 388 6.62 3.12 -18.36
C TYR A 388 5.43 2.45 -18.99
N MET A 389 5.69 1.26 -19.59
CA MET A 389 4.63 0.35 -19.95
C MET A 389 4.25 -0.18 -18.55
N LYS A 390 2.95 -0.29 -18.23
CA LYS A 390 2.50 -0.65 -16.86
C LYS A 390 3.20 -1.89 -16.26
N GLN A 391 3.53 -2.91 -17.08
CA GLN A 391 4.21 -4.10 -16.60
C GLN A 391 5.65 -3.79 -16.11
N HIS A 392 6.23 -2.65 -16.56
CA HIS A 392 7.57 -2.22 -16.15
C HIS A 392 7.58 -1.33 -14.93
N LEU A 393 6.40 -0.88 -14.44
CA LEU A 393 6.36 -0.08 -13.21
C LEU A 393 6.94 -0.90 -12.03
N PRO A 394 7.58 -0.24 -11.01
CA PRO A 394 8.04 -0.98 -9.82
C PRO A 394 6.93 -1.87 -9.25
N LYS A 395 7.29 -3.12 -8.97
CA LYS A 395 6.35 -4.13 -8.51
C LYS A 395 5.65 -3.76 -7.20
N ARG A 396 6.36 -3.00 -6.31
CA ARG A 396 5.81 -2.49 -5.04
C ARG A 396 4.53 -1.65 -5.25
N LEU A 397 4.35 -1.02 -6.46
CA LEU A 397 3.16 -0.20 -6.74
C LEU A 397 1.92 -1.05 -6.94
N HIS A 398 2.09 -2.34 -7.32
CA HIS A 398 1.00 -3.29 -7.60
C HIS A 398 -0.04 -2.61 -8.51
N TYR A 399 0.44 -1.92 -9.57
CA TYR A 399 -0.44 -1.11 -10.40
C TYR A 399 -0.42 -1.51 -11.87
N ALA A 400 -0.98 -2.70 -12.17
CA ALA A 400 -1.01 -3.13 -13.56
C ALA A 400 -2.16 -4.06 -13.94
N ASN A 401 -2.58 -4.95 -13.02
CA ASN A 401 -3.55 -5.99 -13.33
C ASN A 401 -5.01 -5.52 -13.30
N ASN A 402 -5.36 -4.62 -14.20
CA ASN A 402 -6.73 -4.13 -14.33
C ASN A 402 -6.86 -3.52 -15.72
N ARG A 403 -7.98 -3.80 -16.41
CA ARG A 403 -8.23 -3.25 -17.75
C ARG A 403 -8.40 -1.74 -17.75
N ARG A 404 -8.70 -1.16 -16.58
CA ARG A 404 -8.88 0.29 -16.44
C ARG A 404 -7.51 1.01 -16.32
N ILE A 405 -6.41 0.24 -16.22
CA ILE A 405 -5.07 0.84 -16.14
C ILE A 405 -4.48 0.79 -17.54
N GLU A 406 -4.35 1.97 -18.18
CA GLU A 406 -3.78 2.13 -19.52
C GLU A 406 -2.39 1.53 -19.59
N ASP A 407 -2.03 0.93 -20.74
CA ASP A 407 -0.69 0.35 -20.92
C ASP A 407 0.41 1.40 -20.70
N LEU A 408 0.21 2.62 -21.20
CA LEU A 408 1.20 3.66 -21.07
C LEU A 408 0.98 4.49 -19.82
N HIS A 409 2.02 4.57 -18.97
CA HIS A 409 1.96 5.29 -17.71
C HIS A 409 3.09 6.27 -17.59
N LEU A 410 2.84 7.39 -16.89
CA LEU A 410 3.88 8.38 -16.63
C LEU A 410 4.01 8.53 -15.12
N LEU A 411 5.18 8.15 -14.57
CA LEU A 411 5.46 8.38 -13.16
C LEU A 411 6.01 9.79 -13.11
N VAL A 412 5.31 10.69 -12.41
CA VAL A 412 5.71 12.10 -12.35
C VAL A 412 6.62 12.38 -11.15
N GLU A 413 7.60 13.27 -11.34
CA GLU A 413 8.52 13.70 -10.28
C GLU A 413 7.73 14.50 -9.25
N ARG A 414 8.04 14.33 -7.98
CA ARG A 414 7.38 15.09 -6.90
C ARG A 414 7.55 16.58 -7.19
N ARG A 415 6.50 17.37 -6.91
CA ARG A 415 6.44 18.84 -7.11
C ARG A 415 6.06 19.24 -8.53
N TRP A 416 5.91 18.27 -9.45
CA TRP A 416 5.57 18.55 -10.84
C TRP A 416 4.22 18.02 -11.27
N HIS A 417 3.75 18.51 -12.41
CA HIS A 417 2.56 18.07 -13.11
C HIS A 417 2.95 17.73 -14.54
N VAL A 418 2.15 16.88 -15.18
CA VAL A 418 2.22 16.56 -16.59
C VAL A 418 0.85 16.92 -17.21
N ALA A 419 0.86 17.66 -18.33
CA ALA A 419 -0.37 18.05 -19.03
C ALA A 419 -0.23 17.75 -20.51
N ARG A 420 -1.35 17.70 -21.25
CA ARG A 420 -1.28 17.35 -22.67
C ARG A 420 -0.68 18.48 -23.52
N LYS A 421 -1.14 19.72 -23.30
CA LYS A 421 -0.66 20.88 -24.07
C LYS A 421 -0.84 22.19 -23.27
N PRO A 422 -0.06 23.27 -23.53
CA PRO A 422 -0.20 24.51 -22.74
C PRO A 422 -1.62 25.08 -22.59
N LEU A 423 -2.53 24.83 -23.56
CA LEU A 423 -3.91 25.31 -23.51
C LEU A 423 -4.68 24.79 -22.27
N ASP A 424 -4.42 23.52 -21.88
CA ASP A 424 -5.05 22.85 -20.72
C ASP A 424 -4.82 23.60 -19.42
N CYS A 433 -0.88 31.42 -9.17
N CYS A 433 -0.53 31.00 -8.64
CA CYS A 433 -1.59 30.21 -9.54
CA CYS A 433 -1.55 30.24 -9.36
C CYS A 433 -2.72 29.94 -8.52
C CYS A 433 -2.78 30.04 -8.46
N PHE A 434 -3.87 29.43 -9.00
CA PHE A 434 -5.07 29.10 -8.21
C PHE A 434 -4.81 27.87 -7.31
N PHE A 435 -3.78 27.06 -7.65
CA PHE A 435 -3.39 25.88 -6.87
C PHE A 435 -1.89 25.92 -6.53
N GLN A 436 -1.57 25.57 -5.27
CA GLN A 436 -0.21 25.53 -4.77
C GLN A 436 0.12 24.15 -4.18
N GLY A 437 -0.88 23.25 -4.15
CA GLY A 437 -0.67 21.89 -3.63
C GLY A 437 -1.33 20.82 -4.46
N ASP A 438 -0.74 19.62 -4.45
CA ASP A 438 -1.31 18.44 -5.11
C ASP A 438 -0.72 17.14 -4.55
N HIS A 439 -1.31 16.02 -4.95
CA HIS A 439 -0.93 14.68 -4.52
C HIS A 439 -1.29 13.71 -5.67
N GLY A 440 -0.73 12.50 -5.62
CA GLY A 440 -0.97 11.47 -6.62
C GLY A 440 0.28 10.69 -6.99
N PHE A 441 1.45 11.25 -6.64
CA PHE A 441 2.78 10.68 -6.91
C PHE A 441 3.00 9.33 -6.24
N ASP A 442 4.09 8.67 -6.67
CA ASP A 442 4.62 7.42 -6.12
C ASP A 442 4.38 7.41 -4.59
N ASN A 443 3.75 6.32 -4.09
CA ASN A 443 3.33 6.17 -2.69
C ASN A 443 4.49 6.07 -1.67
N LYS A 444 5.75 6.00 -2.13
CA LYS A 444 6.87 5.99 -1.18
C LYS A 444 7.38 7.42 -0.95
N VAL A 445 6.90 8.39 -1.76
CA VAL A 445 7.33 9.79 -1.66
C VAL A 445 6.92 10.35 -0.30
N ASN A 446 7.89 10.91 0.45
CA ASN A 446 7.76 11.47 1.80
C ASN A 446 6.50 12.37 1.96
N SER A 447 6.30 13.33 1.05
CA SER A 447 5.14 14.25 1.11
C SER A 447 3.77 13.54 0.94
N MET A 448 3.74 12.31 0.38
CA MET A 448 2.48 11.55 0.20
C MET A 448 2.05 10.76 1.43
N GLN A 449 2.96 10.62 2.43
CA GLN A 449 2.65 9.85 3.64
C GLN A 449 1.55 10.54 4.45
N THR A 450 0.69 9.72 5.04
CA THR A 450 -0.45 10.24 5.77
C THR A 450 -0.42 9.74 7.24
N VAL A 451 -1.50 9.98 7.97
CA VAL A 451 -1.60 9.74 9.39
C VAL A 451 -2.34 8.47 9.77
N PHE A 452 -1.93 7.91 10.93
CA PHE A 452 -2.62 6.84 11.61
C PHE A 452 -2.50 7.01 13.12
N VAL A 453 -3.65 7.07 13.79
CA VAL A 453 -3.78 7.10 15.24
C VAL A 453 -4.94 6.16 15.63
N GLY A 454 -4.70 5.26 16.55
CA GLY A 454 -5.70 4.38 17.12
C GLY A 454 -5.84 4.68 18.60
N TYR A 455 -7.05 5.03 19.06
CA TYR A 455 -7.29 5.36 20.46
C TYR A 455 -8.46 4.56 21.00
N GLY A 456 -8.30 3.98 22.18
CA GLY A 456 -9.40 3.25 22.78
C GLY A 456 -8.98 2.00 23.54
N PRO A 457 -9.96 1.25 24.09
CA PRO A 457 -9.62 0.06 24.89
C PRO A 457 -8.84 -1.03 24.17
N THR A 458 -9.08 -1.22 22.85
CA THR A 458 -8.45 -2.31 22.12
C THR A 458 -7.04 -1.94 21.62
N PHE A 459 -6.73 -0.63 21.51
CA PHE A 459 -5.41 -0.17 21.09
C PHE A 459 -4.50 -0.08 22.29
N LYS A 460 -3.18 -0.12 22.07
CA LYS A 460 -2.21 0.00 23.16
C LYS A 460 -2.19 1.44 23.68
N TYR A 461 -1.69 1.61 24.89
CA TYR A 461 -1.59 2.88 25.59
C TYR A 461 -0.24 3.53 25.33
N ARG A 462 -0.22 4.85 25.00
CA ARG A 462 1.01 5.62 24.76
C ARG A 462 2.08 4.81 23.98
N THR A 463 1.69 4.23 22.84
CA THR A 463 2.60 3.38 22.06
C THR A 463 2.87 3.93 20.65
N LYS A 464 4.15 3.94 20.25
CA LYS A 464 4.52 4.31 18.88
C LYS A 464 4.80 3.02 18.12
N VAL A 465 4.22 2.88 16.94
CA VAL A 465 4.44 1.69 16.11
C VAL A 465 5.20 2.09 14.83
N PRO A 466 5.97 1.20 14.18
CA PRO A 466 6.62 1.60 12.91
C PRO A 466 5.61 1.94 11.80
N PRO A 467 6.04 2.69 10.74
CA PRO A 467 5.11 2.98 9.63
C PRO A 467 4.62 1.68 9.00
N PHE A 468 3.40 1.68 8.51
CA PHE A 468 2.82 0.50 7.88
C PHE A 468 1.93 0.96 6.73
N GLU A 469 1.51 0.03 5.88
CA GLU A 469 0.68 0.34 4.72
C GLU A 469 -0.80 0.30 5.04
N ASN A 470 -1.57 1.19 4.39
CA ASN A 470 -3.01 1.28 4.62
C ASN A 470 -3.80 0.00 4.25
N ILE A 471 -3.25 -0.85 3.35
CA ILE A 471 -3.88 -2.13 2.97
C ILE A 471 -4.04 -3.06 4.19
N GLU A 472 -3.25 -2.82 5.27
CA GLU A 472 -3.22 -3.65 6.48
C GLU A 472 -4.38 -3.36 7.44
N LEU A 473 -4.98 -2.18 7.34
CA LEU A 473 -6.01 -1.72 8.28
C LEU A 473 -7.33 -2.47 8.23
N TYR A 474 -7.79 -2.94 7.05
CA TYR A 474 -9.05 -3.68 6.93
C TYR A 474 -9.07 -4.90 7.85
N ASN A 475 -7.98 -5.71 7.86
CA ASN A 475 -7.93 -6.86 8.78
C ASN A 475 -8.11 -6.43 10.24
N VAL A 476 -7.44 -5.33 10.66
CA VAL A 476 -7.47 -4.81 12.04
C VAL A 476 -8.90 -4.35 12.39
N MET A 477 -9.57 -3.62 11.48
CA MET A 477 -10.94 -3.14 11.67
C MET A 477 -11.91 -4.32 11.77
N CYS A 478 -11.65 -5.40 11.00
CA CYS A 478 -12.45 -6.60 11.13
C CYS A 478 -12.23 -7.23 12.50
N ASP A 479 -10.96 -7.25 13.02
CA ASP A 479 -10.62 -7.78 14.35
C ASP A 479 -11.32 -6.97 15.46
N LEU A 480 -11.34 -5.64 15.32
CA LEU A 480 -11.97 -4.70 16.26
C LEU A 480 -13.50 -4.88 16.32
N LEU A 481 -14.11 -5.47 15.27
CA LEU A 481 -15.57 -5.66 15.17
C LEU A 481 -16.05 -7.12 15.26
N GLY A 482 -15.15 -8.06 15.50
CA GLY A 482 -15.47 -9.48 15.57
C GLY A 482 -15.89 -10.03 14.23
N LEU A 483 -15.29 -9.49 13.16
CA LEU A 483 -15.60 -9.90 11.79
C LEU A 483 -14.52 -10.76 11.21
N LYS A 484 -14.91 -11.63 10.27
CA LYS A 484 -13.98 -12.46 9.50
C LYS A 484 -13.71 -11.66 8.21
N PRO A 485 -12.46 -11.21 8.00
CA PRO A 485 -12.18 -10.42 6.79
C PRO A 485 -12.32 -11.21 5.50
N ALA A 486 -12.82 -10.55 4.45
CA ALA A 486 -12.90 -11.15 3.11
C ALA A 486 -11.43 -11.26 2.60
N PRO A 487 -11.12 -12.14 1.60
CA PRO A 487 -9.73 -12.22 1.08
C PRO A 487 -9.20 -10.85 0.66
N ASN A 488 -8.02 -10.45 1.19
CA ASN A 488 -7.45 -9.14 0.89
C ASN A 488 -5.91 -9.16 0.82
N ASN A 489 -5.27 -7.99 0.61
CA ASN A 489 -3.82 -7.89 0.40
C ASN A 489 -3.03 -7.61 1.66
N GLY A 490 -3.73 -7.39 2.78
CA GLY A 490 -3.09 -7.25 4.08
C GLY A 490 -2.48 -8.59 4.46
N THR A 491 -1.56 -8.58 5.42
CA THR A 491 -0.95 -9.81 5.96
C THR A 491 -1.46 -9.85 7.38
N HIS A 492 -2.49 -10.66 7.63
CA HIS A 492 -3.15 -10.74 8.93
C HIS A 492 -2.23 -11.20 10.05
N GLY A 493 -2.04 -10.32 11.02
CA GLY A 493 -1.14 -10.57 12.14
C GLY A 493 0.05 -9.63 12.12
N SER A 494 0.33 -9.02 10.94
CA SER A 494 1.44 -8.07 10.80
C SER A 494 1.24 -6.81 11.67
N LEU A 495 -0.02 -6.47 12.01
CA LEU A 495 -0.31 -5.33 12.87
C LEU A 495 -0.78 -5.71 14.28
N ASN A 496 -0.49 -6.96 14.74
CA ASN A 496 -0.89 -7.37 16.10
C ASN A 496 -0.26 -6.48 17.17
N HIS A 497 0.97 -5.94 16.91
CA HIS A 497 1.69 -5.07 17.85
C HIS A 497 0.98 -3.71 18.10
N LEU A 498 -0.09 -3.38 17.34
CA LEU A 498 -0.87 -2.15 17.56
C LEU A 498 -1.93 -2.36 18.67
N LEU A 499 -2.24 -3.64 18.95
CA LEU A 499 -3.36 -4.03 19.79
C LEU A 499 -3.05 -4.55 21.17
N ARG A 500 -3.92 -4.19 22.12
CA ARG A 500 -3.86 -4.68 23.50
C ARG A 500 -4.53 -6.07 23.51
N THR A 501 -5.68 -6.20 22.81
CA THR A 501 -6.47 -7.44 22.70
C THR A 501 -6.93 -7.59 21.24
N ASN A 502 -7.80 -8.58 20.93
CA ASN A 502 -8.35 -8.86 19.60
C ASN A 502 -7.26 -9.11 18.54
N THR A 503 -6.07 -9.58 18.97
CA THR A 503 -4.97 -9.92 18.06
C THR A 503 -5.35 -11.19 17.30
N PHE A 504 -4.86 -11.32 16.08
CA PHE A 504 -5.16 -12.48 15.25
C PHE A 504 -4.04 -13.50 15.40
N ARG A 505 -4.39 -14.77 15.68
CA ARG A 505 -3.40 -15.84 15.81
C ARG A 505 -3.08 -16.35 14.40
N PRO A 506 -1.92 -15.97 13.81
CA PRO A 506 -1.63 -16.42 12.44
C PRO A 506 -1.14 -17.86 12.36
N THR A 507 -1.47 -18.52 11.25
CA THR A 507 -1.11 -19.91 10.98
C THR A 507 -0.05 -19.95 9.89
N LEU A 508 1.07 -20.63 10.18
CA LEU A 508 2.18 -20.82 9.25
C LEU A 508 1.67 -21.59 8.02
N PRO A 509 1.87 -21.06 6.77
CA PRO A 509 1.39 -21.80 5.59
C PRO A 509 2.03 -23.17 5.49
N GLU A 510 1.23 -24.19 5.14
CA GLU A 510 1.74 -25.56 5.04
C GLU A 510 2.60 -25.73 3.79
N GLU A 511 3.79 -26.33 3.99
CA GLU A 511 4.75 -26.65 2.94
C GLU A 511 4.08 -27.68 2.03
N VAL A 512 4.03 -27.39 0.73
CA VAL A 512 3.35 -28.28 -0.22
C VAL A 512 4.31 -29.31 -0.80
N SER A 513 5.41 -28.86 -1.43
CA SER A 513 6.38 -29.77 -2.03
C SER A 513 7.56 -30.05 -1.12
N ARG A 514 7.94 -31.32 -1.00
CA ARG A 514 9.09 -31.73 -0.21
C ARG A 514 10.32 -31.74 -1.12
N PRO A 515 11.47 -31.22 -0.68
CA PRO A 515 12.65 -31.23 -1.55
C PRO A 515 13.33 -32.59 -1.64
N ASN A 516 14.09 -32.78 -2.72
CA ASN A 516 14.95 -33.92 -2.95
C ASN A 516 16.34 -33.44 -2.49
N TYR A 517 17.19 -34.36 -2.01
CA TYR A 517 18.54 -34.06 -1.54
C TYR A 517 19.48 -34.96 -2.34
N PRO A 518 19.78 -34.61 -3.60
CA PRO A 518 20.58 -35.53 -4.43
C PRO A 518 22.07 -35.54 -4.14
N GLY A 519 22.65 -36.74 -4.24
CA GLY A 519 24.08 -36.96 -4.11
C GLY A 519 24.68 -37.03 -5.50
N ILE A 520 25.96 -37.41 -5.62
CA ILE A 520 26.62 -37.56 -6.93
C ILE A 520 25.96 -38.79 -7.58
N MET A 521 25.23 -38.57 -8.69
CA MET A 521 24.46 -39.60 -9.39
C MET A 521 24.89 -39.82 -10.85
N TYR A 522 25.60 -38.85 -11.43
CA TYR A 522 26.01 -38.88 -12.85
C TYR A 522 27.52 -38.68 -13.05
N LEU A 523 28.02 -39.05 -14.24
CA LEU A 523 29.41 -38.86 -14.64
C LEU A 523 29.49 -37.55 -15.42
N GLN A 524 30.68 -36.94 -15.51
CA GLN A 524 30.88 -35.72 -16.29
C GLN A 524 30.71 -36.03 -17.79
N SER A 525 30.97 -37.29 -18.19
CA SER A 525 30.85 -37.83 -19.53
C SER A 525 29.38 -38.02 -19.96
N ASP A 526 28.45 -38.09 -18.99
CA ASP A 526 27.00 -38.24 -19.24
C ASP A 526 26.35 -36.96 -19.82
N PHE A 527 27.05 -35.82 -19.75
CA PHE A 527 26.54 -34.52 -20.19
C PHE A 527 27.02 -34.10 -21.58
N ASP A 528 26.07 -33.65 -22.43
CA ASP A 528 26.30 -33.15 -23.79
C ASP A 528 25.52 -31.83 -23.90
N LEU A 529 25.97 -30.83 -23.10
CA LEU A 529 25.31 -29.52 -22.97
C LEU A 529 25.97 -28.36 -23.73
N GLY A 530 27.10 -28.63 -24.39
CA GLY A 530 27.85 -27.62 -25.12
C GLY A 530 28.62 -26.66 -24.21
N CYS A 531 28.74 -27.02 -22.91
CA CYS A 531 29.42 -26.21 -21.90
C CYS A 531 30.90 -26.56 -21.82
N THR A 532 31.74 -25.53 -21.64
CA THR A 532 33.19 -25.69 -21.57
C THR A 532 33.80 -24.97 -20.37
N CYS A 533 34.80 -25.61 -19.74
CA CYS A 533 35.56 -25.08 -18.62
C CYS A 533 36.96 -25.68 -18.58
N GLU A 553 24.58 -25.11 5.72
CA GLU A 553 23.25 -24.66 6.14
C GLU A 553 23.34 -23.76 7.38
N GLU A 554 24.24 -24.11 8.32
CA GLU A 554 24.49 -23.37 9.56
C GLU A 554 24.95 -21.94 9.26
N ARG A 555 25.86 -21.78 8.29
CA ARG A 555 26.39 -20.46 7.94
C ARG A 555 25.57 -19.72 6.88
N HIS A 556 24.97 -20.42 5.88
CA HIS A 556 24.31 -19.77 4.75
C HIS A 556 22.78 -19.75 4.76
N LEU A 557 22.12 -20.66 5.50
CA LEU A 557 20.65 -20.70 5.60
C LEU A 557 20.27 -20.37 7.04
N LEU A 558 20.34 -19.08 7.37
CA LEU A 558 20.16 -18.57 8.74
C LEU A 558 18.74 -18.57 9.29
N TYR A 559 17.70 -18.54 8.42
CA TYR A 559 16.30 -18.44 8.87
C TYR A 559 15.44 -19.62 8.41
N GLY A 560 16.10 -20.75 8.21
CA GLY A 560 15.48 -21.97 7.74
C GLY A 560 15.23 -21.99 6.25
N ARG A 561 14.98 -23.20 5.74
CA ARG A 561 14.67 -23.45 4.33
C ARG A 561 13.38 -22.69 3.96
N PRO A 562 13.34 -21.90 2.86
CA PRO A 562 12.07 -21.28 2.45
C PRO A 562 11.11 -22.43 2.08
N ALA A 563 9.83 -22.35 2.47
CA ALA A 563 8.91 -23.42 2.10
C ALA A 563 8.36 -23.17 0.71
N VAL A 564 8.26 -24.24 -0.12
CA VAL A 564 7.67 -24.16 -1.44
C VAL A 564 6.16 -24.44 -1.25
N LEU A 565 5.33 -23.43 -1.57
CA LEU A 565 3.89 -23.48 -1.33
C LEU A 565 3.03 -23.90 -2.53
N TYR A 566 3.64 -24.60 -3.49
CA TYR A 566 2.93 -25.14 -4.67
C TYR A 566 3.54 -26.48 -5.06
N ARG A 567 2.79 -27.31 -5.79
CA ARG A 567 3.21 -28.64 -6.25
C ARG A 567 4.30 -28.51 -7.33
N THR A 568 5.52 -29.01 -7.05
CA THR A 568 6.66 -28.95 -7.98
C THR A 568 7.71 -30.01 -7.64
N SER A 569 8.76 -30.12 -8.47
CA SER A 569 9.89 -31.02 -8.24
C SER A 569 11.14 -30.17 -8.12
N TYR A 570 11.78 -30.17 -6.95
CA TYR A 570 12.99 -29.36 -6.72
C TYR A 570 14.00 -30.07 -5.85
N ASP A 571 15.29 -29.66 -5.96
CA ASP A 571 16.41 -30.27 -5.23
C ASP A 571 17.15 -29.27 -4.33
N ILE A 572 17.56 -29.72 -3.14
CA ILE A 572 18.40 -28.92 -2.26
C ILE A 572 19.85 -29.23 -2.66
N LEU A 573 20.62 -28.19 -2.97
CA LEU A 573 22.02 -28.35 -3.33
C LEU A 573 22.88 -27.59 -2.35
N TYR A 574 23.85 -28.27 -1.75
CA TYR A 574 24.79 -27.71 -0.79
C TYR A 574 26.13 -27.43 -1.44
N HIS A 575 26.74 -26.31 -1.06
CA HIS A 575 28.07 -25.89 -1.53
C HIS A 575 28.74 -25.20 -0.34
N THR A 576 30.07 -25.05 -0.39
CA THR A 576 30.86 -24.39 0.65
C THR A 576 30.37 -22.95 0.92
N ASP A 577 30.07 -22.18 -0.13
CA ASP A 577 29.67 -20.77 -0.03
C ASP A 577 28.18 -20.45 -0.13
N PHE A 578 27.36 -21.41 -0.59
CA PHE A 578 25.92 -21.18 -0.80
C PHE A 578 25.09 -22.45 -0.78
N GLU A 579 23.78 -22.27 -0.62
CA GLU A 579 22.81 -23.35 -0.67
C GLU A 579 21.70 -22.94 -1.63
N SER A 580 21.18 -23.89 -2.42
CA SER A 580 20.10 -23.53 -3.34
C SER A 580 18.98 -24.55 -3.37
N GLY A 581 17.81 -24.09 -3.80
CA GLY A 581 16.62 -24.88 -4.05
C GLY A 581 16.45 -24.87 -5.55
N TYR A 582 17.03 -25.87 -6.23
CA TYR A 582 17.04 -25.96 -7.69
C TYR A 582 15.75 -26.57 -8.25
N SER A 583 15.03 -25.79 -9.06
CA SER A 583 13.81 -26.29 -9.70
C SER A 583 14.16 -27.16 -10.91
N GLU A 584 13.61 -28.37 -10.97
CA GLU A 584 13.79 -29.30 -12.08
C GLU A 584 12.84 -28.96 -13.24
N ILE A 585 11.78 -28.19 -12.95
CA ILE A 585 10.78 -27.73 -13.91
C ILE A 585 11.28 -26.47 -14.65
N PHE A 586 11.79 -25.47 -13.90
CA PHE A 586 12.24 -24.21 -14.49
C PHE A 586 13.72 -24.23 -14.88
N LEU A 587 14.41 -25.34 -14.58
CA LEU A 587 15.83 -25.59 -14.88
C LEU A 587 16.77 -24.58 -14.23
N MET A 588 16.38 -24.05 -13.06
CA MET A 588 17.18 -23.06 -12.34
C MET A 588 16.74 -22.98 -10.87
N PRO A 589 17.54 -22.34 -9.99
CA PRO A 589 17.09 -22.20 -8.60
C PRO A 589 15.87 -21.31 -8.45
N LEU A 590 15.02 -21.63 -7.47
CA LEU A 590 13.88 -20.82 -7.08
C LEU A 590 14.43 -19.78 -6.09
N TRP A 591 15.54 -20.16 -5.40
CA TRP A 591 16.23 -19.37 -4.40
C TRP A 591 17.67 -19.85 -4.25
N THR A 592 18.57 -18.91 -3.95
CA THR A 592 19.99 -19.17 -3.69
C THR A 592 20.29 -18.41 -2.43
N SER A 593 20.78 -19.09 -1.40
CA SER A 593 21.02 -18.48 -0.10
C SER A 593 22.48 -18.54 0.32
N TYR A 594 23.03 -17.39 0.76
CA TYR A 594 24.43 -17.30 1.18
C TYR A 594 24.69 -16.16 2.18
N THR A 595 25.74 -16.31 3.00
CA THR A 595 26.11 -15.32 4.01
C THR A 595 27.47 -14.72 3.69
N ILE A 596 27.55 -13.38 3.76
CA ILE A 596 28.78 -12.63 3.51
C ILE A 596 29.15 -11.90 4.80
N SER A 597 30.33 -12.22 5.38
CA SER A 597 30.82 -11.57 6.61
C SER A 597 31.23 -10.12 6.31
N LYS A 598 31.26 -9.26 7.35
CA LYS A 598 31.60 -7.83 7.25
C LYS A 598 32.90 -7.55 6.48
N GLN A 599 33.95 -8.33 6.74
CA GLN A 599 35.26 -8.13 6.14
C GLN A 599 35.67 -9.23 5.14
N ALA A 600 34.68 -9.80 4.41
CA ALA A 600 34.88 -10.82 3.38
C ALA A 600 35.59 -10.21 2.17
N GLU A 601 36.42 -11.01 1.47
CA GLU A 601 37.16 -10.53 0.30
C GLU A 601 36.40 -10.67 -1.02
N VAL A 602 36.58 -9.70 -1.91
CA VAL A 602 36.00 -9.72 -3.26
C VAL A 602 37.16 -10.10 -4.20
N SER A 603 36.98 -11.18 -4.95
CA SER A 603 37.98 -11.68 -5.90
C SER A 603 37.43 -11.58 -7.33
N SER A 604 38.33 -11.60 -8.31
CA SER A 604 37.95 -11.49 -9.71
C SER A 604 37.70 -12.87 -10.34
N ILE A 605 37.05 -12.89 -11.51
CA ILE A 605 36.82 -14.11 -12.28
C ILE A 605 38.09 -14.25 -13.15
N PRO A 606 38.91 -15.33 -12.95
CA PRO A 606 40.13 -15.49 -13.77
C PRO A 606 39.83 -15.57 -15.27
N GLU A 607 40.73 -15.00 -16.11
CA GLU A 607 40.63 -14.90 -17.57
C GLU A 607 40.16 -16.19 -18.25
N HIS A 608 40.77 -17.33 -17.89
CA HIS A 608 40.46 -18.65 -18.46
C HIS A 608 39.11 -19.23 -17.98
N LEU A 609 38.48 -18.59 -16.96
CA LEU A 609 37.20 -19.03 -16.41
C LEU A 609 36.02 -18.10 -16.77
N THR A 610 36.23 -17.18 -17.73
CA THR A 610 35.24 -16.20 -18.22
C THR A 610 33.98 -16.90 -18.76
N ASN A 611 34.16 -17.90 -19.62
CA ASN A 611 33.07 -18.67 -20.23
C ASN A 611 32.88 -20.03 -19.54
N CYS A 612 33.49 -20.21 -18.36
CA CYS A 612 33.38 -21.48 -17.62
C CYS A 612 31.99 -21.74 -17.07
N VAL A 613 31.40 -22.86 -17.53
CA VAL A 613 30.14 -23.41 -17.06
C VAL A 613 30.42 -24.89 -16.88
N ARG A 614 30.16 -25.41 -15.66
CA ARG A 614 30.45 -26.81 -15.32
C ARG A 614 29.17 -27.62 -15.10
N PRO A 615 29.06 -28.86 -15.64
CA PRO A 615 27.85 -29.65 -15.35
C PRO A 615 27.77 -30.01 -13.85
N ASP A 616 26.56 -30.19 -13.32
CA ASP A 616 26.37 -30.57 -11.91
C ASP A 616 25.99 -32.05 -11.86
N VAL A 617 26.94 -32.89 -11.41
CA VAL A 617 26.83 -34.35 -11.33
C VAL A 617 25.66 -34.86 -10.42
N ARG A 618 24.99 -33.96 -9.67
CA ARG A 618 23.85 -34.28 -8.79
C ARG A 618 22.51 -34.15 -9.54
N VAL A 619 22.51 -33.42 -10.65
CA VAL A 619 21.31 -33.14 -11.45
C VAL A 619 21.46 -33.74 -12.84
N SER A 620 20.41 -34.44 -13.34
CA SER A 620 20.44 -35.10 -14.64
C SER A 620 20.65 -34.14 -15.82
N PRO A 621 21.27 -34.60 -16.94
CA PRO A 621 21.43 -33.70 -18.10
C PRO A 621 20.07 -33.19 -18.61
N GLY A 622 19.04 -34.05 -18.52
CA GLY A 622 17.68 -33.74 -18.92
C GLY A 622 17.00 -32.63 -18.12
N PHE A 623 17.43 -32.44 -16.85
CA PHE A 623 16.89 -31.38 -15.98
C PHE A 623 17.90 -30.24 -15.80
N SER A 624 18.84 -30.11 -16.74
CA SER A 624 19.89 -29.08 -16.74
C SER A 624 19.77 -28.11 -17.93
N GLN A 625 20.27 -26.87 -17.76
CA GLN A 625 20.35 -25.87 -18.83
C GLN A 625 21.51 -26.28 -19.76
N ASN A 626 21.58 -25.70 -20.96
CA ASN A 626 22.67 -25.99 -21.89
C ASN A 626 23.30 -24.71 -22.43
N CYS A 627 24.62 -24.72 -22.64
CA CYS A 627 25.38 -23.56 -23.10
C CYS A 627 25.22 -23.25 -24.58
N LEU A 628 24.86 -24.26 -25.40
CA LEU A 628 24.63 -24.10 -26.85
C LEU A 628 23.54 -23.06 -27.09
N ALA A 629 22.53 -23.01 -26.21
CA ALA A 629 21.43 -22.04 -26.25
C ALA A 629 21.94 -20.60 -26.04
N TYR A 630 22.90 -20.40 -25.10
CA TYR A 630 23.48 -19.08 -24.86
C TYR A 630 24.50 -18.67 -25.94
N LYS A 631 25.06 -19.66 -26.67
CA LYS A 631 25.97 -19.41 -27.78
C LYS A 631 25.17 -19.03 -29.03
N ASN A 632 23.94 -19.60 -29.16
CA ASN A 632 23.00 -19.37 -30.26
C ASN A 632 22.23 -18.07 -30.11
N ASP A 633 21.71 -17.78 -28.90
CA ASP A 633 20.92 -16.56 -28.63
C ASP A 633 21.84 -15.35 -28.60
N LYS A 634 21.84 -14.57 -29.71
CA LYS A 634 22.65 -13.36 -29.90
C LYS A 634 22.19 -12.22 -28.98
N GLN A 635 20.97 -12.30 -28.44
CA GLN A 635 20.40 -11.29 -27.55
C GLN A 635 20.46 -11.67 -26.07
N MET A 636 20.54 -12.97 -25.76
CA MET A 636 20.52 -13.46 -24.38
C MET A 636 21.86 -13.97 -23.93
N SER A 637 22.30 -13.54 -22.74
CA SER A 637 23.51 -14.06 -22.13
C SER A 637 23.09 -14.77 -20.83
N TYR A 638 24.02 -14.97 -19.91
CA TYR A 638 23.70 -15.62 -18.66
C TYR A 638 24.43 -14.93 -17.52
N GLY A 639 23.90 -15.14 -16.32
CA GLY A 639 24.47 -14.64 -15.08
C GLY A 639 24.50 -15.76 -14.07
N PHE A 640 24.93 -15.45 -12.84
CA PHE A 640 25.00 -16.42 -11.74
C PHE A 640 24.29 -15.88 -10.52
N LEU A 641 23.55 -16.75 -9.80
CA LEU A 641 22.86 -16.32 -8.58
C LEU A 641 23.84 -16.11 -7.41
N PHE A 642 24.69 -17.13 -7.11
CA PHE A 642 25.76 -16.94 -6.14
C PHE A 642 26.93 -16.33 -6.97
N PRO A 643 27.46 -15.14 -6.60
CA PRO A 643 28.54 -14.56 -7.40
C PRO A 643 29.94 -15.17 -7.19
N PRO A 644 30.66 -15.54 -8.28
CA PRO A 644 32.04 -16.06 -8.12
C PRO A 644 32.97 -15.09 -7.41
N TYR A 645 32.67 -13.78 -7.51
CA TYR A 645 33.40 -12.68 -6.87
C TYR A 645 33.50 -12.84 -5.37
N LEU A 646 32.50 -13.48 -4.75
CA LEU A 646 32.46 -13.62 -3.31
C LEU A 646 32.79 -15.03 -2.82
N SER A 647 33.50 -15.81 -3.67
CA SER A 647 33.97 -17.15 -3.33
C SER A 647 34.92 -17.06 -2.14
N SER A 648 34.90 -18.05 -1.25
CA SER A 648 35.77 -18.07 -0.06
C SER A 648 37.21 -18.46 -0.37
N SER A 649 37.43 -19.15 -1.51
CA SER A 649 38.75 -19.64 -1.95
C SER A 649 38.75 -19.94 -3.46
N PRO A 650 39.93 -20.03 -4.14
CA PRO A 650 39.96 -20.35 -5.57
C PRO A 650 39.27 -21.69 -5.92
N GLU A 651 39.37 -22.69 -5.01
CA GLU A 651 38.76 -24.02 -5.11
C GLU A 651 37.22 -23.87 -5.06
N ALA A 652 36.71 -23.07 -4.11
CA ALA A 652 35.29 -22.80 -3.92
C ALA A 652 34.67 -22.09 -5.12
N LYS A 653 35.45 -21.21 -5.80
CA LYS A 653 35.02 -20.45 -6.98
C LYS A 653 34.44 -21.31 -8.10
N TYR A 654 34.99 -22.51 -8.30
CA TYR A 654 34.55 -23.47 -9.31
C TYR A 654 33.08 -23.89 -9.13
N ASP A 655 32.57 -23.90 -7.87
CA ASP A 655 31.16 -24.22 -7.56
C ASP A 655 30.21 -23.17 -8.12
N ALA A 656 30.65 -21.90 -8.14
CA ALA A 656 29.84 -20.78 -8.61
C ALA A 656 29.60 -20.85 -10.12
N PHE A 657 30.47 -21.59 -10.84
CA PHE A 657 30.36 -21.80 -12.29
C PHE A 657 29.52 -23.04 -12.67
N LEU A 658 28.84 -23.68 -11.69
CA LEU A 658 27.97 -24.82 -11.97
C LEU A 658 26.78 -24.39 -12.83
N VAL A 659 26.36 -25.26 -13.77
CA VAL A 659 25.20 -25.03 -14.65
C VAL A 659 23.90 -24.82 -13.82
N THR A 660 23.89 -25.33 -12.57
CA THR A 660 22.76 -25.23 -11.63
C THR A 660 22.70 -23.89 -10.87
N ASN A 661 23.71 -23.04 -11.05
CA ASN A 661 23.78 -21.70 -10.45
C ASN A 661 23.57 -20.62 -11.55
N MET A 662 23.46 -21.03 -12.81
CA MET A 662 23.31 -20.10 -13.94
C MET A 662 21.84 -19.73 -14.21
N VAL A 663 21.63 -18.48 -14.64
CA VAL A 663 20.30 -17.92 -14.93
C VAL A 663 20.34 -17.06 -16.21
N PRO A 664 19.27 -17.04 -17.05
CA PRO A 664 19.33 -16.23 -18.28
C PRO A 664 19.25 -14.72 -18.03
N MET A 665 20.23 -13.97 -18.54
CA MET A 665 20.29 -12.52 -18.37
C MET A 665 20.69 -11.79 -19.63
N TYR A 666 19.91 -10.76 -19.97
CA TYR A 666 20.22 -9.88 -21.08
C TYR A 666 21.53 -9.15 -20.75
N PRO A 667 22.45 -8.91 -21.73
CA PRO A 667 23.68 -8.16 -21.40
C PRO A 667 23.43 -6.80 -20.72
N ALA A 668 22.36 -6.08 -21.11
CA ALA A 668 21.98 -4.81 -20.49
C ALA A 668 21.70 -5.02 -19.00
N PHE A 669 20.95 -6.08 -18.67
CA PHE A 669 20.64 -6.42 -17.28
C PHE A 669 21.89 -6.87 -16.53
N LYS A 670 22.83 -7.56 -17.23
CA LYS A 670 24.08 -7.98 -16.63
C LYS A 670 24.88 -6.81 -16.06
N ARG A 671 24.77 -5.59 -16.67
CA ARG A 671 25.45 -4.39 -16.16
C ARG A 671 24.98 -4.08 -14.73
N VAL A 672 23.67 -4.23 -14.49
CA VAL A 672 23.02 -4.01 -13.21
C VAL A 672 23.40 -5.17 -12.25
N TRP A 673 23.17 -6.43 -12.68
CA TRP A 673 23.41 -7.59 -11.84
C TRP A 673 24.87 -7.74 -11.41
N THR A 674 25.84 -7.57 -12.34
CA THR A 674 27.27 -7.66 -12.01
C THR A 674 27.65 -6.60 -10.99
N TYR A 675 27.17 -5.36 -11.15
CA TYR A 675 27.46 -4.30 -10.20
C TYR A 675 26.92 -4.62 -8.80
N PHE A 676 25.68 -5.15 -8.71
CA PHE A 676 25.09 -5.55 -7.43
C PHE A 676 25.93 -6.67 -6.80
N GLN A 677 26.27 -7.69 -7.61
CA GLN A 677 27.02 -8.88 -7.17
C GLN A 677 28.45 -8.59 -6.72
N ARG A 678 29.17 -7.74 -7.46
CA ARG A 678 30.58 -7.44 -7.25
C ARG A 678 30.85 -6.28 -6.27
N VAL A 679 30.00 -5.24 -6.27
CA VAL A 679 30.20 -4.05 -5.45
C VAL A 679 29.23 -3.94 -4.26
N LEU A 680 27.93 -3.95 -4.55
CA LEU A 680 26.88 -3.69 -3.55
C LEU A 680 26.71 -4.75 -2.47
N VAL A 681 26.81 -6.06 -2.79
CA VAL A 681 26.67 -7.10 -1.75
C VAL A 681 27.72 -6.88 -0.64
N LYS A 682 29.00 -6.70 -1.03
CA LYS A 682 30.11 -6.42 -0.11
C LYS A 682 29.91 -5.09 0.64
N LYS A 683 29.49 -4.01 -0.06
CA LYS A 683 29.22 -2.71 0.58
C LYS A 683 28.19 -2.90 1.71
N TYR A 684 27.09 -3.64 1.44
CA TYR A 684 26.03 -3.92 2.43
C TYR A 684 26.59 -4.75 3.61
N ALA A 685 27.47 -5.73 3.31
CA ALA A 685 28.10 -6.56 4.34
C ALA A 685 28.96 -5.71 5.29
N SER A 686 29.73 -4.77 4.71
CA SER A 686 30.58 -3.85 5.46
C SER A 686 29.78 -2.89 6.35
N GLU A 687 28.67 -2.36 5.82
CA GLU A 687 27.81 -1.41 6.53
C GLU A 687 26.90 -2.05 7.58
N ARG A 688 26.46 -3.30 7.33
CA ARG A 688 25.49 -3.95 8.21
C ARG A 688 26.07 -5.02 9.14
N ASN A 689 27.41 -5.20 9.10
CA ASN A 689 28.17 -6.19 9.88
C ASN A 689 27.75 -7.60 9.44
N GLY A 690 27.99 -7.87 8.17
CA GLY A 690 27.60 -9.11 7.51
C GLY A 690 26.17 -9.05 7.02
N VAL A 691 25.86 -9.82 5.96
CA VAL A 691 24.51 -9.94 5.39
C VAL A 691 24.24 -11.37 4.92
N ASN A 692 23.00 -11.80 5.03
CA ASN A 692 22.54 -13.07 4.51
C ASN A 692 21.70 -12.66 3.30
N VAL A 693 22.03 -13.23 2.14
CA VAL A 693 21.40 -12.91 0.86
C VAL A 693 20.65 -14.12 0.28
N ILE A 694 19.39 -13.90 -0.10
CA ILE A 694 18.59 -14.89 -0.81
C ILE A 694 18.23 -14.24 -2.12
N SER A 695 18.69 -14.80 -3.24
CA SER A 695 18.42 -14.27 -4.58
C SER A 695 17.76 -15.32 -5.47
N GLY A 696 17.02 -14.85 -6.48
CA GLY A 696 16.37 -15.76 -7.40
C GLY A 696 15.51 -15.13 -8.48
N PRO A 697 14.93 -15.98 -9.34
CA PRO A 697 14.12 -15.47 -10.45
C PRO A 697 12.63 -15.29 -10.09
N ILE A 698 11.94 -14.48 -10.90
CA ILE A 698 10.50 -14.25 -10.81
C ILE A 698 9.92 -14.32 -12.20
N PHE A 699 8.81 -15.03 -12.35
CA PHE A 699 8.08 -15.14 -13.61
C PHE A 699 6.69 -14.53 -13.40
N ASP A 700 6.47 -13.35 -13.98
CA ASP A 700 5.18 -12.67 -13.87
C ASP A 700 4.81 -12.03 -15.21
N TYR A 701 4.64 -12.88 -16.22
CA TYR A 701 4.30 -12.46 -17.58
C TYR A 701 2.92 -11.82 -17.70
N ASN A 702 1.95 -12.25 -16.87
CA ASN A 702 0.59 -11.68 -16.88
C ASN A 702 0.44 -10.55 -15.84
N TYR A 703 1.58 -10.04 -15.29
CA TYR A 703 1.68 -8.89 -14.37
C TYR A 703 0.57 -8.80 -13.31
N ASN A 704 0.25 -9.94 -12.68
CA ASN A 704 -0.78 -9.97 -11.65
C ASN A 704 -0.19 -10.01 -10.23
N GLY A 705 1.14 -9.89 -10.14
CA GLY A 705 1.84 -9.94 -8.86
C GLY A 705 1.91 -11.31 -8.24
N LEU A 706 1.50 -12.36 -8.99
CA LEU A 706 1.49 -13.76 -8.53
C LEU A 706 2.38 -14.63 -9.41
N ARG A 707 3.04 -15.63 -8.80
CA ARG A 707 3.90 -16.60 -9.48
C ARG A 707 3.19 -17.20 -10.72
N ASP A 708 3.82 -17.12 -11.89
CA ASP A 708 3.21 -17.71 -13.07
C ASP A 708 3.22 -19.24 -13.00
N ILE A 709 2.22 -19.87 -13.62
CA ILE A 709 2.20 -21.33 -13.81
C ILE A 709 2.95 -21.52 -15.15
N GLU A 710 3.39 -22.76 -15.47
CA GLU A 710 4.14 -23.06 -16.71
C GLU A 710 3.53 -22.47 -17.99
N ASP A 711 2.19 -22.57 -18.13
CA ASP A 711 1.43 -22.07 -19.29
C ASP A 711 1.50 -20.54 -19.47
N GLU A 712 1.82 -19.80 -18.41
CA GLU A 712 1.86 -18.34 -18.45
C GLU A 712 3.22 -17.76 -18.87
N ILE A 713 4.29 -18.60 -18.88
CA ILE A 713 5.64 -18.21 -19.31
C ILE A 713 5.57 -17.96 -20.83
N LYS A 714 5.90 -16.74 -21.27
CA LYS A 714 5.80 -16.43 -22.70
C LYS A 714 7.13 -16.29 -23.41
N GLN A 715 8.26 -16.40 -22.70
CA GLN A 715 9.58 -16.29 -23.31
C GLN A 715 10.57 -17.32 -22.76
N TYR A 716 11.35 -17.93 -23.69
CA TYR A 716 12.36 -18.95 -23.44
C TYR A 716 13.67 -18.58 -24.14
N VAL A 717 14.82 -19.12 -23.68
CA VAL A 717 16.12 -18.88 -24.32
C VAL A 717 16.04 -19.53 -25.73
N GLU A 718 16.59 -18.84 -26.77
CA GLU A 718 16.55 -19.30 -28.17
C GLU A 718 16.85 -20.79 -28.32
N GLY A 719 15.89 -21.48 -28.95
CA GLY A 719 15.93 -22.91 -29.25
C GLY A 719 16.09 -23.82 -28.05
N SER A 720 15.51 -23.41 -26.91
CA SER A 720 15.59 -24.18 -25.66
C SER A 720 14.27 -24.15 -24.86
N SER A 721 14.27 -24.83 -23.69
CA SER A 721 13.13 -24.86 -22.78
C SER A 721 13.43 -24.11 -21.46
N ILE A 722 14.51 -23.29 -21.45
CA ILE A 722 14.94 -22.48 -20.30
C ILE A 722 14.03 -21.22 -20.23
N PRO A 723 13.08 -21.12 -19.25
CA PRO A 723 12.23 -19.92 -19.18
C PRO A 723 13.01 -18.67 -18.82
N VAL A 724 12.54 -17.51 -19.32
CA VAL A 724 13.19 -16.24 -19.08
C VAL A 724 12.47 -15.50 -17.95
N PRO A 725 13.16 -15.19 -16.83
CA PRO A 725 12.51 -14.46 -15.74
C PRO A 725 12.17 -13.02 -16.15
N THR A 726 11.05 -12.53 -15.65
CA THR A 726 10.64 -11.15 -15.92
C THR A 726 11.38 -10.25 -14.96
N HIS A 727 11.77 -10.81 -13.79
CA HIS A 727 12.42 -10.09 -12.71
C HIS A 727 13.40 -10.97 -11.96
N TYR A 728 14.31 -10.32 -11.22
CA TYR A 728 15.27 -10.98 -10.32
C TYR A 728 15.16 -10.32 -8.96
N TYR A 729 14.96 -11.14 -7.94
CA TYR A 729 14.83 -10.64 -6.59
C TYR A 729 16.06 -10.89 -5.75
N SER A 730 16.20 -10.13 -4.67
CA SER A 730 17.21 -10.32 -3.64
C SER A 730 16.65 -9.84 -2.32
N ILE A 731 16.81 -10.65 -1.26
CA ILE A 731 16.39 -10.40 0.11
C ILE A 731 17.65 -10.36 0.95
N ILE A 732 17.98 -9.19 1.51
CA ILE A 732 19.23 -8.98 2.25
C ILE A 732 18.94 -8.75 3.73
N THR A 733 19.24 -9.75 4.56
CA THR A 733 18.97 -9.70 6.00
C THR A 733 20.25 -9.59 6.84
N SER A 734 20.15 -8.93 8.00
CA SER A 734 21.22 -8.74 8.97
C SER A 734 20.56 -8.52 10.34
N CYS A 735 21.37 -8.33 11.39
CA CYS A 735 20.88 -8.10 12.74
C CYS A 735 20.45 -6.64 12.90
N LEU A 736 19.23 -6.38 13.47
CA LEU A 736 18.78 -4.99 13.70
C LEU A 736 19.83 -4.27 14.56
N ASP A 737 20.37 -4.98 15.56
CA ASP A 737 21.47 -4.50 16.35
C ASP A 737 22.75 -4.81 15.55
N PHE A 738 23.25 -3.81 14.81
CA PHE A 738 24.43 -3.89 13.94
C PHE A 738 25.74 -4.28 14.66
N THR A 739 25.79 -4.22 16.01
CA THR A 739 26.99 -4.62 16.79
C THR A 739 27.16 -6.15 16.79
N GLN A 740 26.06 -6.87 16.53
CA GLN A 740 26.07 -8.33 16.44
C GLN A 740 26.20 -8.71 14.96
N PRO A 741 27.06 -9.71 14.59
CA PRO A 741 27.15 -10.09 13.17
C PRO A 741 25.84 -10.74 12.70
N ALA A 742 25.60 -10.75 11.37
CA ALA A 742 24.38 -11.32 10.79
C ALA A 742 24.20 -12.83 11.13
N ASP A 743 25.32 -13.60 11.17
CA ASP A 743 25.33 -15.04 11.45
C ASP A 743 25.25 -15.39 12.94
N LYS A 744 25.19 -14.39 13.84
CA LYS A 744 25.13 -14.57 15.28
C LYS A 744 24.28 -13.44 15.90
N CYS A 745 23.04 -13.32 15.41
CA CYS A 745 22.08 -12.32 15.86
C CYS A 745 21.14 -12.93 16.89
N ASP A 746 21.05 -12.29 18.06
CA ASP A 746 20.19 -12.75 19.17
C ASP A 746 18.75 -12.25 19.07
N GLY A 747 18.54 -11.04 18.53
CA GLY A 747 17.22 -10.41 18.49
C GLY A 747 16.61 -10.09 17.13
N PRO A 748 15.88 -8.94 17.04
CA PRO A 748 15.18 -8.61 15.78
C PRO A 748 16.07 -8.47 14.56
N LEU A 749 15.48 -8.71 13.39
CA LEU A 749 16.20 -8.67 12.12
C LEU A 749 15.96 -7.36 11.39
N SER A 750 16.87 -7.04 10.50
CA SER A 750 16.82 -5.88 9.61
C SER A 750 16.84 -6.45 8.19
N VAL A 751 15.93 -5.99 7.33
CA VAL A 751 15.81 -6.47 5.95
C VAL A 751 15.64 -5.33 4.92
N SER A 752 16.23 -5.53 3.75
CA SER A 752 16.05 -4.68 2.56
C SER A 752 15.95 -5.70 1.40
N SER A 753 15.01 -5.48 0.48
CA SER A 753 14.79 -6.40 -0.65
C SER A 753 14.55 -5.61 -1.91
N PHE A 754 14.68 -6.28 -3.06
CA PHE A 754 14.48 -5.65 -4.37
C PHE A 754 13.83 -6.65 -5.33
N ILE A 755 13.12 -6.14 -6.34
CA ILE A 755 12.55 -6.94 -7.42
C ILE A 755 12.97 -6.16 -8.68
N LEU A 756 14.09 -6.55 -9.26
CA LEU A 756 14.67 -5.88 -10.42
C LEU A 756 14.06 -6.34 -11.74
N PRO A 757 13.55 -5.41 -12.56
CA PRO A 757 12.97 -5.79 -13.86
C PRO A 757 14.08 -6.30 -14.79
N HIS A 758 13.86 -7.48 -15.35
CA HIS A 758 14.84 -8.09 -16.23
C HIS A 758 14.56 -7.58 -17.65
N ARG A 759 15.19 -6.45 -17.99
CA ARG A 759 14.94 -5.78 -19.26
C ARG A 759 16.11 -5.85 -20.24
N PRO A 760 15.82 -5.87 -21.57
CA PRO A 760 16.92 -5.98 -22.55
C PRO A 760 17.65 -4.67 -22.85
N ASP A 761 17.25 -3.57 -22.18
CA ASP A 761 17.88 -2.26 -22.31
C ASP A 761 17.87 -1.55 -20.96
N ASN A 762 18.63 -0.46 -20.84
CA ASN A 762 18.58 0.35 -19.62
C ASN A 762 17.95 1.71 -19.91
N ASP A 763 16.92 1.73 -20.77
CA ASP A 763 16.17 2.97 -21.13
C ASP A 763 15.55 3.65 -19.92
N GLU A 764 15.22 2.87 -18.88
CA GLU A 764 14.66 3.41 -17.63
C GLU A 764 15.68 4.33 -16.93
N SER A 765 16.98 4.01 -17.05
CA SER A 765 18.04 4.78 -16.40
C SER A 765 18.64 5.77 -17.39
N CYS A 766 18.24 7.04 -17.30
CA CYS A 766 18.70 8.09 -18.22
C CYS A 766 20.22 8.30 -18.19
N ASN A 767 20.89 7.95 -17.09
CA ASN A 767 22.36 8.07 -16.95
C ASN A 767 23.12 6.75 -17.17
N SER A 768 22.48 5.73 -17.79
CA SER A 768 23.09 4.41 -18.01
C SER A 768 24.32 4.41 -18.93
N SER A 769 24.60 5.50 -19.69
CA SER A 769 25.81 5.53 -20.52
C SER A 769 27.06 5.75 -19.64
N GLU A 770 26.85 6.20 -18.40
CA GLU A 770 27.90 6.43 -17.41
C GLU A 770 28.25 5.11 -16.70
N ASP A 771 29.30 5.11 -15.85
CA ASP A 771 29.70 3.92 -15.07
C ASP A 771 28.56 3.55 -14.11
N GLU A 772 28.40 2.25 -13.86
CA GLU A 772 27.38 1.65 -12.99
C GLU A 772 27.30 2.29 -11.60
N SER A 773 28.42 2.86 -11.10
CA SER A 773 28.50 3.57 -9.81
C SER A 773 27.67 4.86 -9.80
N LYS A 774 27.30 5.36 -10.97
CA LYS A 774 26.52 6.59 -11.12
C LYS A 774 25.02 6.34 -11.34
N TRP A 775 24.57 5.07 -11.54
CA TRP A 775 23.14 4.87 -11.82
C TRP A 775 22.49 3.56 -11.31
N VAL A 776 23.25 2.48 -11.14
CA VAL A 776 22.66 1.18 -10.77
C VAL A 776 21.94 1.20 -9.41
N GLU A 777 22.57 1.76 -8.37
CA GLU A 777 21.95 1.83 -7.05
C GLU A 777 20.66 2.65 -7.03
N GLU A 778 20.61 3.73 -7.82
CA GLU A 778 19.42 4.58 -7.98
C GLU A 778 18.26 3.73 -8.54
N LEU A 779 18.56 2.87 -9.55
CA LEU A 779 17.59 1.98 -10.17
C LEU A 779 17.06 0.97 -9.16
N MET A 780 17.97 0.36 -8.38
CA MET A 780 17.62 -0.64 -7.37
C MET A 780 16.72 -0.06 -6.29
N LYS A 781 17.01 1.19 -5.84
CA LYS A 781 16.20 1.88 -4.83
C LYS A 781 14.76 2.09 -5.29
N MET A 782 14.58 2.43 -6.58
CA MET A 782 13.26 2.61 -7.20
C MET A 782 12.46 1.29 -7.20
N HIS A 783 13.19 0.15 -7.30
CA HIS A 783 12.60 -1.18 -7.34
C HIS A 783 12.73 -1.95 -6.00
N THR A 784 12.81 -1.20 -4.89
CA THR A 784 12.75 -1.74 -3.54
C THR A 784 11.44 -2.54 -3.38
N ALA A 785 11.46 -3.53 -2.49
CA ALA A 785 10.29 -4.40 -2.32
C ALA A 785 10.14 -4.95 -0.93
N ARG A 786 8.92 -5.39 -0.61
CA ARG A 786 8.69 -6.08 0.66
C ARG A 786 9.01 -7.56 0.45
N VAL A 787 9.41 -8.28 1.51
CA VAL A 787 9.62 -9.74 1.39
C VAL A 787 8.29 -10.38 0.95
N ARG A 788 7.16 -9.85 1.46
CA ARG A 788 5.81 -10.30 1.12
C ARG A 788 5.51 -10.21 -0.40
N ASP A 789 6.03 -9.16 -1.09
CA ASP A 789 5.86 -9.00 -2.55
C ASP A 789 6.55 -10.17 -3.28
N ILE A 790 7.74 -10.56 -2.81
CA ILE A 790 8.55 -11.67 -3.36
C ILE A 790 7.84 -13.01 -3.13
N GLU A 791 7.24 -13.18 -1.94
CA GLU A 791 6.49 -14.40 -1.57
C GLU A 791 5.32 -14.63 -2.55
N HIS A 792 4.52 -13.56 -2.84
CA HIS A 792 3.42 -13.64 -3.81
C HIS A 792 3.94 -14.04 -5.20
N LEU A 793 5.05 -13.43 -5.64
CA LEU A 793 5.63 -13.65 -6.96
C LEU A 793 6.36 -14.96 -7.16
N THR A 794 6.71 -15.67 -6.06
CA THR A 794 7.48 -16.92 -6.13
C THR A 794 6.79 -18.16 -5.60
N GLY A 795 5.75 -18.00 -4.77
CA GLY A 795 5.12 -19.15 -4.12
C GLY A 795 6.00 -19.71 -3.01
N LEU A 796 6.95 -18.89 -2.51
CA LEU A 796 7.85 -19.26 -1.42
C LEU A 796 7.41 -18.58 -0.13
N ASP A 797 7.80 -19.16 1.02
CA ASP A 797 7.51 -18.64 2.35
C ASP A 797 8.83 -18.62 3.12
N PHE A 798 9.33 -17.40 3.42
CA PHE A 798 10.61 -17.16 4.09
C PHE A 798 10.55 -17.03 5.61
N TYR A 799 11.72 -17.04 6.30
CA TYR A 799 11.89 -16.86 7.74
C TYR A 799 11.09 -17.86 8.60
N ARG A 800 11.05 -19.12 8.19
CA ARG A 800 10.26 -20.11 8.95
C ARG A 800 10.94 -20.62 10.21
N LYS A 801 12.28 -20.46 10.31
CA LYS A 801 13.05 -20.93 11.47
C LYS A 801 13.89 -19.78 12.08
N THR A 802 13.27 -19.03 12.99
CA THR A 802 13.94 -17.92 13.68
C THR A 802 13.63 -18.04 15.17
N SER A 803 14.24 -17.17 15.99
CA SER A 803 13.97 -17.11 17.43
C SER A 803 12.91 -16.01 17.72
N ARG A 804 12.29 -15.46 16.67
CA ARG A 804 11.29 -14.40 16.82
C ARG A 804 9.86 -14.92 16.73
N SER A 805 8.89 -14.20 17.31
CA SER A 805 7.47 -14.58 17.23
C SER A 805 6.99 -14.50 15.78
N TYR A 806 5.95 -15.28 15.41
CA TYR A 806 5.46 -15.26 14.04
C TYR A 806 4.86 -13.88 13.64
N SER A 807 4.20 -13.19 14.59
CA SER A 807 3.63 -11.86 14.38
C SER A 807 4.76 -10.85 14.07
N GLU A 808 5.90 -10.95 14.77
CA GLU A 808 7.07 -10.09 14.51
C GLU A 808 7.61 -10.38 13.11
N ILE A 809 7.67 -11.66 12.72
CA ILE A 809 8.13 -12.05 11.38
C ILE A 809 7.18 -11.49 10.30
N LEU A 810 5.85 -11.49 10.56
CA LEU A 810 4.90 -10.92 9.58
C LEU A 810 5.13 -9.42 9.39
N THR A 811 5.44 -8.68 10.48
CA THR A 811 5.77 -7.26 10.42
C THR A 811 7.05 -7.09 9.57
N LEU A 812 8.07 -7.94 9.81
CA LEU A 812 9.32 -7.90 9.05
C LEU A 812 9.07 -8.14 7.55
N LYS A 813 8.22 -9.12 7.22
CA LYS A 813 7.89 -9.43 5.82
C LYS A 813 7.13 -8.30 5.10
N THR A 814 6.38 -7.43 5.83
CA THR A 814 5.65 -6.34 5.19
C THR A 814 6.48 -5.07 5.10
N TYR A 815 7.64 -5.03 5.81
CA TYR A 815 8.54 -3.87 5.83
C TYR A 815 8.99 -3.49 4.41
N LEU A 816 9.07 -2.19 4.15
CA LEU A 816 9.58 -1.68 2.88
C LEU A 816 10.70 -0.66 3.16
N HIS A 817 11.90 -0.87 2.61
CA HIS A 817 12.97 0.11 2.81
C HIS A 817 12.75 1.16 1.72
N THR A 818 12.27 2.36 2.08
CA THR A 818 11.91 3.36 1.06
C THR A 818 13.05 4.25 0.50
N TYR A 819 14.17 4.42 1.25
CA TYR A 819 15.29 5.31 0.87
C TYR A 819 14.84 6.81 0.81
N GLU A 820 13.75 7.13 1.55
CA GLU A 820 13.17 8.46 1.65
C GLU A 820 13.45 9.09 3.00
C1 NAG B . -47.08 9.29 -2.57
C2 NAG B . -48.17 8.23 -2.73
C3 NAG B . -49.48 8.92 -2.31
C4 NAG B . -49.40 9.38 -0.85
C5 NAG B . -48.17 10.27 -0.64
C6 NAG B . -47.88 10.55 0.82
C7 NAG B . -48.13 8.23 -5.24
C8 NAG B . -48.11 7.33 -6.43
N2 NAG B . -48.30 7.62 -4.04
O3 NAG B . -50.57 8.01 -2.48
O4 NAG B . -50.58 10.07 -0.47
O5 NAG B . -46.99 9.65 -1.18
O6 NAG B . -47.37 9.41 1.49
O7 NAG B . -47.99 9.45 -5.33
C1 NAG B . -51.55 9.37 0.30
C2 NAG B . -52.24 10.38 1.23
C3 NAG B . -53.33 9.65 2.01
C4 NAG B . -54.31 8.97 1.06
C5 NAG B . -53.56 8.03 0.12
C6 NAG B . -54.43 7.43 -0.96
C7 NAG B . -51.26 12.26 2.50
C8 NAG B . -50.16 12.69 3.42
N2 NAG B . -51.27 10.97 2.15
O3 NAG B . -54.03 10.57 2.84
O4 NAG B . -55.28 8.23 1.80
O5 NAG B . -52.51 8.75 -0.56
O6 NAG B . -53.71 6.54 -1.80
O7 NAG B . -52.11 13.05 2.10
C1 NAG C . 9.12 12.53 -31.96
C2 NAG C . 7.87 12.73 -32.81
C3 NAG C . 8.30 13.07 -34.24
C4 NAG C . 9.26 14.26 -34.27
C5 NAG C . 10.42 14.04 -33.30
C6 NAG C . 11.32 15.25 -33.13
C7 NAG C . 5.88 11.40 -32.21
C8 NAG C . 5.23 10.05 -32.28
N2 NAG C . 7.09 11.51 -32.80
O3 NAG C . 7.14 13.37 -35.01
O4 NAG C . 9.78 14.40 -35.59
O5 NAG C . 9.92 13.71 -31.98
O6 NAG C . 12.51 14.87 -32.45
O7 NAG C . 5.35 12.35 -31.65
C1 NAG C . 9.51 15.58 -36.35
C2 NAG C . 10.46 15.61 -37.55
C3 NAG C . 10.19 16.85 -38.40
C4 NAG C . 8.71 16.94 -38.80
C5 NAG C . 7.83 16.80 -37.55
C6 NAG C . 6.36 16.75 -37.87
C7 NAG C . 12.65 14.52 -37.28
C8 NAG C . 14.07 14.71 -36.82
N2 NAG C . 11.85 15.59 -37.12
O3 NAG C . 10.99 16.79 -39.58
O4 NAG C . 8.47 18.20 -39.42
O5 NAG C . 8.16 15.58 -36.85
O6 NAG C . 5.69 17.89 -37.38
O7 NAG C . 12.26 13.46 -37.75
C1 NAG D . -4.82 -9.09 -3.47
C2 NAG D . -4.03 -10.12 -4.30
C3 NAG D . -4.98 -10.61 -5.39
C4 NAG D . -6.30 -11.14 -4.83
C5 NAG D . -6.89 -10.21 -3.78
C6 NAG D . -8.04 -10.81 -2.98
C7 NAG D . -1.58 -9.97 -4.64
C8 NAG D . -0.49 -9.34 -5.44
N2 NAG D . -2.84 -9.53 -4.88
O3 NAG D . -4.34 -11.64 -6.15
O4 NAG D . -7.25 -11.18 -5.89
O5 NAG D . -5.87 -9.81 -2.85
O6 NAG D . -7.70 -12.06 -2.38
O7 NAG D . -1.36 -10.83 -3.79
C1 NAG D . -7.94 -12.37 -6.12
C2 NAG D . -9.23 -12.01 -6.87
C3 NAG D . -9.96 -13.32 -7.18
C4 NAG D . -9.05 -14.32 -7.89
C5 NAG D . -7.75 -14.52 -7.13
C6 NAG D . -6.73 -15.38 -7.88
C7 NAG D . -10.14 -9.81 -6.18
C8 NAG D . -11.09 -9.10 -5.27
N2 NAG D . -10.08 -11.15 -6.07
O3 NAG D . -11.09 -13.02 -8.00
O4 NAG D . -9.71 -15.58 -7.95
O5 NAG D . -7.12 -13.25 -6.89
O6 NAG D . -6.31 -14.76 -9.09
O7 NAG D . -9.43 -9.19 -6.99
C1 BMA D . -10.34 -15.94 -9.15
C2 BMA D . -10.21 -17.45 -9.32
C3 BMA D . -10.95 -17.89 -10.57
C4 BMA D . -12.42 -17.43 -10.53
C5 BMA D . -12.49 -15.93 -10.27
C6 BMA D . -13.90 -15.41 -10.02
O2 BMA D . -10.69 -18.11 -8.15
O3 BMA D . -10.84 -19.30 -10.79
O4 BMA D . -13.04 -17.74 -11.77
O5 BMA D . -11.72 -15.59 -9.10
O6 BMA D . -13.82 -14.07 -9.52
C1 MAN D . -15.05 -13.44 -9.29
C2 MAN D . -14.86 -11.93 -9.50
C3 MAN D . -14.01 -11.31 -8.38
C4 MAN D . -14.62 -11.63 -7.02
C5 MAN D . -14.76 -13.15 -6.87
C6 MAN D . -15.43 -13.58 -5.58
O2 MAN D . -16.12 -11.28 -9.61
O3 MAN D . -13.84 -9.91 -8.53
O4 MAN D . -13.80 -11.11 -5.99
O5 MAN D . -15.55 -13.70 -7.96
O6 MAN D . -16.79 -13.17 -5.51
C1 MAN D . -13.05 -9.41 -9.64
C2 MAN D . -12.33 -8.11 -9.24
C3 MAN D . -13.33 -6.98 -9.04
C4 MAN D . -14.30 -6.85 -10.22
C5 MAN D . -14.90 -8.20 -10.62
C6 MAN D . -15.69 -8.16 -11.91
O2 MAN D . -11.38 -7.77 -10.25
O3 MAN D . -12.66 -5.75 -8.85
O4 MAN D . -15.37 -5.97 -9.85
O5 MAN D . -13.85 -9.17 -10.81
O6 MAN D . -14.87 -7.85 -13.04
C1 MAN D . -10.01 -8.07 -10.00
C2 MAN D . -9.13 -7.25 -10.96
C3 MAN D . -9.23 -7.77 -12.40
C4 MAN D . -8.98 -9.27 -12.47
C5 MAN D . -9.89 -10.01 -11.49
C6 MAN D . -9.62 -11.50 -11.40
O2 MAN D . -7.77 -7.25 -10.53
O3 MAN D . -8.30 -7.07 -13.22
O4 MAN D . -9.25 -9.73 -13.79
O5 MAN D . -9.72 -9.47 -10.16
O6 MAN D . -10.68 -12.17 -10.72
C1 MAN D . -9.52 -19.89 -10.81
C2 MAN D . -8.92 -19.86 -12.22
C3 MAN D . -9.54 -20.94 -13.11
C4 MAN D . -9.55 -22.31 -12.43
C5 MAN D . -10.19 -22.21 -11.05
C6 MAN D . -10.12 -23.51 -10.26
O2 MAN D . -7.51 -20.01 -12.14
O3 MAN D . -8.83 -21.01 -14.35
O4 MAN D . -10.25 -23.24 -13.24
O5 MAN D . -9.51 -21.22 -10.26
O6 MAN D . -10.58 -23.34 -8.93
ZN ZN E . -6.93 16.41 -3.05
ZN ZN F . -8.11 12.62 -0.73
CA CA G . 1.60 -14.01 -12.75
NA NA H . 19.59 4.60 -20.75
K K I . 24.72 -15.05 -26.11
C5 P3G J . 9.96 22.62 -28.46
C5 P3G J . 8.67 22.75 -28.15
C6 P3G J . 9.54 22.64 -27.05
C6 P3G J . 9.28 23.49 -27.03
O3 P3G J . 10.68 22.69 -26.18
O3 P3G J . 10.34 22.73 -26.45
C7 P3G J . 10.29 22.71 -24.81
C7 P3G J . 10.59 23.10 -25.11
C8 P3G J . 10.92 21.59 -24.06
C8 P3G J . 11.38 22.05 -24.39
O4 P3G J . 10.68 20.36 -24.73
O4 P3G J . 10.65 20.84 -24.31
C9 P3G J . 10.76 19.22 -23.89
C9 P3G J . 11.35 19.84 -23.57
C10 P3G J . 11.72 18.22 -24.43
C10 P3G J . 11.22 18.52 -24.24
O5 P3G J . 11.47 17.91 -25.81
O5 P3G J . 11.78 18.55 -25.55
C11 P3G J . 12.50 17.10 -26.35
C11 P3G J . 12.12 17.26 -26.03
C12 P3G J . 12.31 16.84 -27.81
C12 P3G J . 11.81 17.13 -27.48
O6 P3G J . 12.21 18.07 -28.53
O6 P3G J . 12.77 17.78 -28.30
C13 P3G J . 12.16 17.87 -29.94
C13 P3G J . 12.60 17.46 -29.67
C14 P3G J . 10.81 18.21 -30.49
C14 P3G J . 12.90 18.61 -30.57
O7 P3G J . 9.80 17.33 -29.99
O7 P3G J . 12.17 19.77 -30.16
C15 P3G J . 8.65 17.09 -30.82
C15 P3G J . 11.75 20.57 -31.26
C16 P3G J . 7.68 18.22 -30.78
C16 P3G J . 11.18 21.83 -30.75
CL CL K . -6.45 9.60 -11.20
CA CA L . 10.71 20.25 -27.36
N3 9V8 M . -16.82 10.74 0.91
C4 9V8 M . -17.89 11.63 0.47
C5 9V8 M . -17.38 12.24 -0.82
C6 9V8 M . -16.04 12.94 -0.92
C7 9V8 M . -15.87 13.92 -2.08
C15 9V8 M . -15.07 7.28 3.36
C17 9V8 M . -13.95 4.74 2.93
C20 9V8 M . -14.25 6.69 4.32
C21 9V8 M . -13.96 14.46 -3.51
C22 9V8 M . -12.51 14.83 -3.60
C24 9V8 M . -11.74 15.14 -2.47
C26 9V8 M . -11.91 14.88 -4.87
C28 9V8 M . -9.82 15.57 -3.85
C1 9V8 M . -16.15 11.46 -1.24
C11 9V8 M . -16.79 10.20 2.16
C14 9V8 M . -15.64 8.65 3.59
C16 9V8 M . -13.70 5.43 4.11
C18 9V8 M . -14.79 5.32 1.98
C19 9V8 M . -15.32 6.59 2.18
C2 9V8 M . -15.81 10.49 -0.12
C25 9V8 M . -10.40 15.50 -2.58
C27 9V8 M . -10.56 15.23 -4.97
C32 9V8 M . -12.80 4.82 5.15
C36 9V8 M . -15.03 4.61 0.68
F33 9V8 M . -13.35 4.81 6.36
F34 9V8 M . -11.64 5.47 5.27
F35 9V8 M . -12.46 3.56 4.87
F37 9V8 M . -14.57 3.37 0.68
F38 9V8 M . -14.44 5.20 -0.35
F39 9V8 M . -16.32 4.53 0.37
N10 9V8 M . -14.50 14.35 -2.30
N29 9V8 M . -8.53 15.86 -4.25
N30 9V8 M . -8.47 15.76 -5.55
N31 9V8 M . -9.69 15.37 -6.01
O12 9V8 M . -17.63 10.42 3.01
O13 9V8 M . -15.72 9.40 2.34
O23 9V8 M . -14.61 14.22 -4.53
#